data_6SAK
#
_entry.id   6SAK
#
_cell.length_a   54.645
_cell.length_b   62.912
_cell.length_c   72.017
_cell.angle_alpha   65.132
_cell.angle_beta   85.976
_cell.angle_gamma   85.380
#
_symmetry.space_group_name_H-M   'P 1'
#
loop_
_entity.id
_entity.type
_entity.pdbx_description
1 polymer 'Ubiquitin thioesterase otulin'
2 polymer 'Sorting nexin-27'
3 non-polymer GLYCEROL
4 non-polymer 'SULFATE ION'
5 water water
#
loop_
_entity_poly.entity_id
_entity_poly.type
_entity_poly.pdbx_seq_one_letter_code
_entity_poly.pdbx_strand_id
1 'polypeptide(L)'
;GPLSVAPEMDIMDYCKKEWRGNTQKATCMKMGYEEVSQKFTSIRRVRGDNYAALRATLFQAMSQAVGLPPWLQDPELMLL
PEKLISKYNWIKQWKLGLKFDGKNEDLVDKIKESLTLLRKKWAGLAEMRTAEARQIACDELFTNEAEEYSLYEAVKFLML
NRAIELYNDKEKGKEVPFFSVLLFARDTSNDPGQLLRNHLNQVGHTGGLEQVEMFLLAYAVRHTIQVYRLSKYNTEEFIT
VYPTDPPKDWPVVTLIAEDDRHYNIPVRVCEETSL
;
A,B
2 'polypeptide(L)'
;GPRVVRIVKSESGYGFNVRGQVSEGGQLRSINGELYAPLQHVSAVLPGGAADRAGVRKGDRILEVNHVNVEGATHKQVVD
LIRAGEKELILTVLSV
;
C,D
#
# COMPACT_ATOMS: atom_id res chain seq x y z
N PRO A 2 -21.93 13.45 8.39
CA PRO A 2 -21.77 14.76 7.75
C PRO A 2 -20.58 14.79 6.80
N LEU A 3 -20.80 14.33 5.56
CA LEU A 3 -19.74 14.34 4.57
C LEU A 3 -19.17 15.73 4.40
N SER A 4 -17.85 15.86 4.58
CA SER A 4 -17.17 17.11 4.28
C SER A 4 -16.95 17.32 2.80
N VAL A 5 -17.19 16.29 1.98
CA VAL A 5 -17.17 16.38 0.52
C VAL A 5 -18.53 15.86 0.06
N ALA A 6 -19.39 16.78 -0.39
CA ALA A 6 -20.77 16.43 -0.67
C ALA A 6 -20.86 15.44 -1.83
N PRO A 7 -21.98 14.72 -1.94
CA PRO A 7 -22.10 13.69 -2.98
C PRO A 7 -22.04 14.28 -4.38
N GLU A 8 -21.81 13.38 -5.34
CA GLU A 8 -21.62 13.78 -6.73
C GLU A 8 -22.87 14.46 -7.30
N MET A 9 -22.64 15.44 -8.15
CA MET A 9 -23.71 16.13 -8.88
C MET A 9 -23.20 16.47 -10.26
N ASP A 10 -24.05 16.28 -11.28
CA ASP A 10 -23.66 16.65 -12.63
C ASP A 10 -23.44 18.15 -12.72
N ILE A 11 -22.39 18.54 -13.46
CA ILE A 11 -22.07 19.96 -13.65
C ILE A 11 -23.28 20.70 -14.21
N MET A 12 -23.97 20.09 -15.18
CA MET A 12 -25.17 20.67 -15.75
C MET A 12 -26.18 21.04 -14.67
N ASP A 13 -26.32 20.21 -13.64
CA ASP A 13 -27.28 20.50 -12.58
C ASP A 13 -26.74 21.51 -11.58
N TYR A 14 -25.44 21.43 -11.28
CA TYR A 14 -24.84 22.35 -10.33
C TYR A 14 -24.97 23.79 -10.80
N CYS A 15 -24.60 24.06 -12.06
CA CYS A 15 -24.71 25.42 -12.58
C CYS A 15 -26.16 25.88 -12.63
N LYS A 16 -27.07 24.99 -13.08
CA LYS A 16 -28.48 25.33 -13.13
C LYS A 16 -29.00 25.80 -11.78
N LYS A 17 -28.40 25.32 -10.69
CA LYS A 17 -28.86 25.59 -9.34
C LYS A 17 -28.05 26.65 -8.62
N GLU A 18 -26.73 26.64 -8.76
CA GLU A 18 -25.87 27.53 -8.01
C GLU A 18 -25.45 28.78 -8.78
N TRP A 19 -25.62 28.79 -10.10
CA TRP A 19 -25.21 29.94 -10.93
C TRP A 19 -26.31 30.28 -11.92
N ARG A 20 -27.50 30.56 -11.38
CA ARG A 20 -28.62 31.01 -12.19
C ARG A 20 -28.38 32.45 -12.65
N GLY A 21 -29.06 32.82 -13.73
CA GLY A 21 -29.02 34.18 -14.23
C GLY A 21 -27.91 34.40 -15.24
N ASN A 22 -27.86 35.65 -15.73
CA ASN A 22 -26.84 36.06 -16.70
C ASN A 22 -26.04 37.26 -16.22
N THR A 23 -25.97 37.47 -14.91
CA THR A 23 -24.97 38.39 -14.36
C THR A 23 -23.60 37.98 -14.86
N GLN A 24 -22.69 38.94 -14.98
N GLN A 24 -22.70 38.95 -14.97
CA GLN A 24 -21.36 38.64 -15.47
CA GLN A 24 -21.36 38.66 -15.46
C GLN A 24 -20.66 37.60 -14.61
C GLN A 24 -20.66 37.60 -14.61
N LYS A 25 -20.94 37.59 -13.30
CA LYS A 25 -20.32 36.61 -12.43
C LYS A 25 -20.82 35.20 -12.76
N ALA A 26 -22.14 35.01 -12.78
CA ALA A 26 -22.68 33.69 -13.09
C ALA A 26 -22.30 33.26 -14.49
N THR A 27 -22.38 34.18 -15.45
CA THR A 27 -21.95 33.85 -16.81
C THR A 27 -20.50 33.41 -16.84
N CYS A 28 -19.64 34.08 -16.08
CA CYS A 28 -18.23 33.71 -16.05
C CYS A 28 -18.06 32.30 -15.49
N MET A 29 -18.66 32.04 -14.33
CA MET A 29 -18.56 30.70 -13.74
C MET A 29 -19.00 29.63 -14.72
N LYS A 30 -20.11 29.87 -15.43
CA LYS A 30 -20.68 28.83 -16.28
C LYS A 30 -19.84 28.59 -17.53
N MET A 31 -19.24 29.64 -18.09
CA MET A 31 -18.30 29.42 -19.18
C MET A 31 -17.07 28.68 -18.68
N GLY A 32 -16.62 28.98 -17.46
CA GLY A 32 -15.57 28.18 -16.86
C GLY A 32 -15.97 26.73 -16.70
N TYR A 33 -17.18 26.49 -16.19
CA TYR A 33 -17.63 25.11 -16.03
C TYR A 33 -17.82 24.43 -17.37
N GLU A 34 -18.16 25.19 -18.42
CA GLU A 34 -18.20 24.61 -19.76
C GLU A 34 -16.83 24.08 -20.16
N GLU A 35 -15.76 24.67 -19.63
CA GLU A 35 -14.42 24.14 -19.87
C GLU A 35 -14.17 22.89 -19.04
N VAL A 36 -14.47 22.95 -17.75
CA VAL A 36 -14.37 21.76 -16.90
C VAL A 36 -15.18 20.62 -17.52
N SER A 37 -16.35 20.95 -18.08
CA SER A 37 -17.23 19.95 -18.66
C SER A 37 -16.62 19.25 -19.86
N GLN A 38 -15.53 19.78 -20.43
CA GLN A 38 -14.88 19.09 -21.53
C GLN A 38 -14.15 17.83 -21.07
N LYS A 39 -13.82 17.74 -19.77
CA LYS A 39 -13.07 16.63 -19.24
C LYS A 39 -13.78 15.85 -18.14
N PHE A 40 -14.78 16.44 -17.49
CA PHE A 40 -15.51 15.78 -16.41
C PHE A 40 -16.99 16.03 -16.60
N THR A 41 -17.80 15.13 -16.03
CA THR A 41 -19.25 15.29 -16.07
C THR A 41 -19.85 15.81 -14.77
N SER A 42 -19.13 15.69 -13.65
CA SER A 42 -19.72 15.92 -12.35
C SER A 42 -18.71 16.60 -11.44
N ILE A 43 -19.21 17.07 -10.29
CA ILE A 43 -18.37 17.69 -9.27
C ILE A 43 -18.90 17.32 -7.89
N ARG A 44 -18.05 17.50 -6.89
CA ARG A 44 -18.40 17.34 -5.49
C ARG A 44 -17.98 18.61 -4.76
N ARG A 45 -18.91 19.20 -4.01
CA ARG A 45 -18.60 20.44 -3.30
C ARG A 45 -17.82 20.12 -2.03
N VAL A 46 -16.74 20.86 -1.81
CA VAL A 46 -15.85 20.67 -0.68
C VAL A 46 -16.24 21.63 0.42
N ARG A 47 -16.29 21.13 1.66
CA ARG A 47 -16.60 21.96 2.81
C ARG A 47 -15.71 23.21 2.81
N GLY A 48 -16.34 24.37 2.96
CA GLY A 48 -15.63 25.63 2.81
C GLY A 48 -15.05 26.18 4.10
N ASP A 49 -14.40 25.34 4.89
CA ASP A 49 -13.73 25.80 6.09
C ASP A 49 -12.26 26.12 5.77
N ASN A 50 -11.46 26.32 6.82
CA ASN A 50 -10.05 26.66 6.71
C ASN A 50 -9.18 25.56 6.14
N TYR A 51 -9.73 24.37 5.92
CA TYR A 51 -8.99 23.25 5.35
C TYR A 51 -9.41 22.95 3.93
N ALA A 52 -10.22 23.81 3.32
CA ALA A 52 -10.86 23.48 2.05
C ALA A 52 -9.86 23.00 1.02
N ALA A 53 -8.78 23.76 0.80
CA ALA A 53 -7.80 23.37 -0.21
C ALA A 53 -7.14 22.06 0.17
N LEU A 54 -6.83 21.86 1.45
CA LEU A 54 -6.25 20.60 1.89
C LEU A 54 -7.24 19.45 1.70
N ARG A 55 -8.52 19.69 2.01
CA ARG A 55 -9.52 18.64 1.89
C ARG A 55 -9.75 18.26 0.43
N ALA A 56 -9.84 19.25 -0.46
CA ALA A 56 -10.03 18.96 -1.87
C ALA A 56 -8.87 18.15 -2.42
N THR A 57 -7.64 18.56 -2.08
CA THR A 57 -6.45 17.90 -2.58
C THR A 57 -6.34 16.47 -2.08
N LEU A 58 -6.54 16.27 -0.77
CA LEU A 58 -6.37 14.95 -0.19
C LEU A 58 -7.47 14.01 -0.63
N PHE A 59 -8.72 14.48 -0.64
CA PHE A 59 -9.81 13.64 -1.13
C PHE A 59 -9.51 13.15 -2.54
N GLN A 60 -9.10 14.06 -3.42
CA GLN A 60 -8.80 13.66 -4.79
CA GLN A 60 -8.81 13.66 -4.79
C GLN A 60 -7.65 12.67 -4.84
N ALA A 61 -6.55 12.97 -4.14
CA ALA A 61 -5.38 12.10 -4.17
C ALA A 61 -5.71 10.72 -3.59
N MET A 62 -6.43 10.69 -2.47
CA MET A 62 -6.71 9.41 -1.82
C MET A 62 -7.73 8.60 -2.61
N SER A 63 -8.74 9.26 -3.17
CA SER A 63 -9.74 8.54 -3.95
C SER A 63 -9.19 8.04 -5.27
N GLN A 64 -8.04 8.55 -5.72
CA GLN A 64 -7.40 8.07 -6.93
C GLN A 64 -6.28 7.07 -6.64
N ALA A 65 -6.06 6.73 -5.37
CA ALA A 65 -4.91 5.93 -4.98
C ALA A 65 -5.07 4.51 -5.50
N VAL A 66 -4.25 4.13 -6.48
CA VAL A 66 -4.11 2.73 -6.88
C VAL A 66 -2.90 2.08 -6.25
N GLY A 67 -2.12 2.83 -5.48
CA GLY A 67 -0.97 2.30 -4.78
C GLY A 67 -0.54 3.27 -3.71
N LEU A 68 0.28 2.77 -2.78
CA LEU A 68 0.83 3.61 -1.73
C LEU A 68 2.03 4.37 -2.26
N PRO A 69 2.02 5.70 -2.26
CA PRO A 69 3.16 6.44 -2.81
C PRO A 69 4.43 6.09 -2.07
N PRO A 70 5.58 6.07 -2.77
CA PRO A 70 6.82 5.64 -2.08
C PRO A 70 7.16 6.48 -0.86
N TRP A 71 6.88 7.78 -0.89
CA TRP A 71 7.19 8.62 0.26
C TRP A 71 6.33 8.28 1.46
N LEU A 72 5.14 7.74 1.23
CA LEU A 72 4.24 7.34 2.31
C LEU A 72 4.52 5.92 2.76
N GLN A 73 4.83 5.02 1.81
CA GLN A 73 5.19 3.65 2.14
C GLN A 73 6.52 3.57 2.88
N ASP A 74 7.42 4.52 2.62
CA ASP A 74 8.73 4.57 3.24
C ASP A 74 8.63 4.39 4.75
N PRO A 75 9.17 3.28 5.30
CA PRO A 75 9.02 3.06 6.76
C PRO A 75 9.79 4.06 7.60
N GLU A 76 10.76 4.77 7.02
CA GLU A 76 11.47 5.80 7.77
C GLU A 76 10.62 7.04 8.00
N LEU A 77 9.46 7.13 7.36
CA LEU A 77 8.63 8.34 7.48
C LEU A 77 8.20 8.57 8.92
N MET A 78 7.92 7.50 9.66
CA MET A 78 7.43 7.68 11.04
C MET A 78 8.55 7.94 12.03
N LEU A 79 9.81 7.86 11.62
CA LEU A 79 10.89 8.40 12.42
C LEU A 79 11.07 9.89 12.21
N LEU A 80 10.47 10.44 11.16
CA LEU A 80 10.64 11.87 10.88
C LEU A 80 10.14 12.75 12.01
N PRO A 81 8.99 12.50 12.63
CA PRO A 81 8.54 13.42 13.70
C PRO A 81 9.55 13.58 14.82
N GLU A 82 10.13 12.47 15.29
CA GLU A 82 11.07 12.56 16.40
C GLU A 82 12.38 13.19 15.97
N LYS A 83 12.88 12.83 14.78
CA LYS A 83 14.16 13.36 14.33
C LYS A 83 14.09 14.87 14.11
N LEU A 84 12.95 15.36 13.63
CA LEU A 84 12.82 16.79 13.35
C LEU A 84 12.60 17.59 14.62
N ILE A 85 11.69 17.13 15.49
CA ILE A 85 11.42 17.85 16.72
C ILE A 85 12.65 17.86 17.63
N SER A 86 13.40 16.77 17.63
CA SER A 86 14.64 16.72 18.41
C SER A 86 15.67 17.70 17.87
N LYS A 87 15.80 17.77 16.55
CA LYS A 87 16.78 18.68 15.95
C LYS A 87 16.33 20.13 16.08
N TYR A 88 15.04 20.38 15.92
CA TYR A 88 14.47 21.73 15.98
C TYR A 88 13.38 21.74 17.05
N ASN A 89 13.76 22.13 18.27
CA ASN A 89 12.80 22.13 19.37
C ASN A 89 11.72 23.19 19.21
N TRP A 90 11.96 24.21 18.36
CA TRP A 90 10.93 25.21 18.13
C TRP A 90 9.70 24.62 17.45
N ILE A 91 9.82 23.44 16.83
CA ILE A 91 8.67 22.79 16.23
C ILE A 91 7.59 22.49 17.26
N LYS A 92 7.96 22.45 18.55
CA LYS A 92 7.00 22.17 19.60
C LYS A 92 6.03 23.34 19.83
N GLN A 93 6.21 24.45 19.12
CA GLN A 93 5.18 25.49 19.06
C GLN A 93 4.01 25.09 18.17
N TRP A 94 4.03 23.87 17.63
CA TRP A 94 2.94 23.37 16.80
C TRP A 94 1.60 23.55 17.49
N LYS A 95 0.64 24.11 16.75
CA LYS A 95 -0.71 24.32 17.24
C LYS A 95 -1.64 23.30 16.58
N LEU A 96 -2.36 22.55 17.41
CA LEU A 96 -3.25 21.51 16.91
C LEU A 96 -4.54 22.11 16.36
N GLY A 97 -5.15 21.39 15.44
CA GLY A 97 -6.47 21.74 14.97
C GLY A 97 -7.49 21.71 16.09
N LEU A 98 -8.65 22.32 15.82
CA LEU A 98 -9.65 22.52 16.85
C LEU A 98 -10.20 21.21 17.41
N LYS A 99 -10.00 20.09 16.72
CA LYS A 99 -10.57 18.83 17.15
C LYS A 99 -9.64 18.04 18.07
N PHE A 100 -8.46 18.56 18.39
CA PHE A 100 -7.50 17.84 19.19
C PHE A 100 -6.91 18.74 20.27
N ASP A 101 -6.32 18.10 21.27
CA ASP A 101 -5.60 18.77 22.34
C ASP A 101 -4.55 17.82 22.88
N GLY A 102 -3.42 18.38 23.31
CA GLY A 102 -2.37 17.58 23.90
C GLY A 102 -1.30 18.49 24.44
N LYS A 103 -0.50 17.93 25.34
CA LYS A 103 0.64 18.68 25.87
C LYS A 103 1.89 18.33 25.07
N ASN A 104 2.74 19.35 24.87
CA ASN A 104 3.81 19.29 23.88
C ASN A 104 4.69 18.06 24.04
N GLU A 105 4.74 17.47 25.22
CA GLU A 105 5.48 16.22 25.38
C GLU A 105 4.97 15.16 24.41
N ASP A 106 3.66 15.14 24.18
CA ASP A 106 3.01 14.16 23.33
C ASP A 106 3.01 14.54 21.86
N LEU A 107 3.63 15.66 21.49
CA LEU A 107 3.58 16.12 20.11
C LEU A 107 4.13 15.06 19.17
N VAL A 108 5.27 14.46 19.51
CA VAL A 108 5.93 13.54 18.58
C VAL A 108 5.01 12.37 18.24
N ASP A 109 4.39 11.76 19.25
CA ASP A 109 3.58 10.59 19.00
C ASP A 109 2.21 10.93 18.44
N LYS A 110 1.73 12.15 18.64
CA LYS A 110 0.49 12.57 17.97
C LYS A 110 0.73 12.77 16.48
N ILE A 111 1.86 13.36 16.10
CA ILE A 111 2.21 13.46 14.69
C ILE A 111 2.44 12.07 14.10
N LYS A 112 3.20 11.24 14.79
CA LYS A 112 3.39 9.87 14.32
C LYS A 112 2.05 9.16 14.19
N GLU A 113 1.14 9.41 15.13
CA GLU A 113 -0.20 8.83 15.04
C GLU A 113 -0.93 9.33 13.80
N SER A 114 -0.85 10.63 13.52
CA SER A 114 -1.48 11.18 12.32
C SER A 114 -0.84 10.61 11.06
N LEU A 115 0.50 10.51 11.03
CA LEU A 115 1.16 9.92 9.88
C LEU A 115 0.75 8.46 9.69
N THR A 116 0.65 7.72 10.79
CA THR A 116 0.22 6.33 10.70
C THR A 116 -1.20 6.23 10.15
N LEU A 117 -2.07 7.15 10.56
CA LEU A 117 -3.43 7.15 10.04
C LEU A 117 -3.45 7.43 8.55
N LEU A 118 -2.72 8.47 8.12
CA LEU A 118 -2.62 8.77 6.69
C LEU A 118 -2.16 7.55 5.90
N ARG A 119 -1.09 6.90 6.36
CA ARG A 119 -0.57 5.74 5.66
C ARG A 119 -1.61 4.62 5.61
N LYS A 120 -2.23 4.33 6.76
CA LYS A 120 -3.18 3.22 6.82
C LYS A 120 -4.37 3.46 5.90
N LYS A 121 -4.95 4.66 5.93
CA LYS A 121 -6.09 4.96 5.07
C LYS A 121 -5.71 4.91 3.59
N TRP A 122 -4.56 5.50 3.25
CA TRP A 122 -4.10 5.47 1.86
C TRP A 122 -3.86 4.03 1.40
N ALA A 123 -3.19 3.23 2.22
CA ALA A 123 -2.96 1.83 1.88
C ALA A 123 -4.29 1.09 1.71
N GLY A 124 -5.22 1.30 2.63
CA GLY A 124 -6.52 0.66 2.51
C GLY A 124 -7.20 0.98 1.20
N LEU A 125 -7.20 2.27 0.84
CA LEU A 125 -7.82 2.69 -0.42
C LEU A 125 -7.08 2.10 -1.62
N ALA A 126 -5.75 2.08 -1.57
CA ALA A 126 -4.96 1.60 -2.70
C ALA A 126 -5.18 0.12 -2.98
N GLU A 127 -5.70 -0.63 -2.01
CA GLU A 127 -5.91 -2.06 -2.18
C GLU A 127 -7.24 -2.40 -2.82
N MET A 128 -8.16 -1.44 -2.94
CA MET A 128 -9.49 -1.74 -3.43
C MET A 128 -9.51 -1.74 -4.94
N ARG A 129 -10.37 -2.59 -5.50
CA ARG A 129 -10.27 -2.95 -6.90
C ARG A 129 -10.73 -1.85 -7.84
N THR A 130 -11.71 -1.06 -7.44
CA THR A 130 -12.33 -0.09 -8.34
C THR A 130 -12.26 1.31 -7.75
N ALA A 131 -12.36 2.29 -8.65
CA ALA A 131 -12.36 3.69 -8.21
C ALA A 131 -13.65 4.02 -7.48
N GLU A 132 -14.78 3.45 -7.90
CA GLU A 132 -16.04 3.67 -7.21
C GLU A 132 -15.96 3.17 -5.77
N ALA A 133 -15.32 2.02 -5.56
CA ALA A 133 -15.15 1.52 -4.20
C ALA A 133 -14.28 2.46 -3.38
N ARG A 134 -13.28 3.08 -4.01
CA ARG A 134 -12.42 4.01 -3.30
C ARG A 134 -13.17 5.26 -2.89
N GLN A 135 -13.99 5.80 -3.79
CA GLN A 135 -14.74 7.00 -3.44
C GLN A 135 -15.69 6.74 -2.29
N ILE A 136 -16.30 5.56 -2.24
CA ILE A 136 -17.17 5.23 -1.11
C ILE A 136 -16.35 5.13 0.17
N ALA A 137 -15.17 4.52 0.10
CA ALA A 137 -14.32 4.45 1.29
C ALA A 137 -13.86 5.83 1.72
N CYS A 138 -13.51 6.70 0.76
CA CYS A 138 -13.16 8.07 1.11
CA CYS A 138 -13.16 8.07 1.11
C CYS A 138 -14.35 8.80 1.72
N ASP A 139 -15.55 8.56 1.18
CA ASP A 139 -16.76 9.16 1.75
C ASP A 139 -16.90 8.80 3.22
N GLU A 140 -16.57 7.56 3.59
CA GLU A 140 -16.61 7.18 4.99
C GLU A 140 -15.49 7.85 5.78
N LEU A 141 -14.37 8.15 5.13
CA LEU A 141 -13.24 8.77 5.81
C LEU A 141 -13.46 10.26 6.03
N PHE A 142 -13.96 10.96 5.01
CA PHE A 142 -14.15 12.41 5.09
C PHE A 142 -15.56 12.72 5.60
N THR A 143 -15.75 12.45 6.89
CA THR A 143 -17.01 12.72 7.57
C THR A 143 -16.91 13.89 8.53
N ASN A 144 -15.82 14.65 8.48
CA ASN A 144 -15.61 15.81 9.33
C ASN A 144 -15.39 15.42 10.80
N GLU A 145 -14.88 14.22 11.02
CA GLU A 145 -14.59 13.73 12.37
C GLU A 145 -13.08 13.77 12.60
N ALA A 146 -12.66 13.22 13.76
CA ALA A 146 -11.28 13.38 14.18
C ALA A 146 -10.29 12.73 13.23
N GLU A 147 -10.71 11.70 12.48
CA GLU A 147 -9.80 11.03 11.57
C GLU A 147 -9.44 11.94 10.41
N GLU A 148 -10.45 12.54 9.76
CA GLU A 148 -10.18 13.46 8.67
C GLU A 148 -9.20 14.55 9.10
N TYR A 149 -9.47 15.18 10.24
CA TYR A 149 -8.62 16.29 10.67
C TYR A 149 -7.27 15.85 11.18
N SER A 150 -7.13 14.59 11.59
CA SER A 150 -5.81 14.07 11.88
C SER A 150 -4.95 14.01 10.62
N LEU A 151 -5.58 13.76 9.47
CA LEU A 151 -4.83 13.72 8.21
C LEU A 151 -4.23 15.08 7.90
N TYR A 152 -4.96 16.16 8.16
CA TYR A 152 -4.43 17.49 7.90
C TYR A 152 -3.24 17.80 8.82
N GLU A 153 -3.28 17.31 10.06
CA GLU A 153 -2.11 17.45 10.93
C GLU A 153 -0.90 16.76 10.31
N ALA A 154 -1.11 15.60 9.69
CA ALA A 154 0.00 14.89 9.06
C ALA A 154 0.51 15.64 7.84
N VAL A 155 -0.38 16.04 6.93
CA VAL A 155 0.04 16.76 5.74
C VAL A 155 0.73 18.06 6.12
N LYS A 156 0.15 18.80 7.09
CA LYS A 156 0.77 20.04 7.51
C LYS A 156 2.17 19.81 8.04
N PHE A 157 2.37 18.72 8.80
CA PHE A 157 3.71 18.41 9.26
C PHE A 157 4.63 18.08 8.10
N LEU A 158 4.12 17.38 7.09
CA LEU A 158 4.93 17.09 5.91
C LEU A 158 5.25 18.37 5.14
N MET A 159 4.31 19.32 5.11
CA MET A 159 4.59 20.61 4.49
C MET A 159 5.69 21.33 5.25
N LEU A 160 5.64 21.29 6.58
CA LEU A 160 6.68 21.91 7.39
C LEU A 160 8.03 21.28 7.10
N ASN A 161 8.09 19.95 7.06
CA ASN A 161 9.35 19.27 6.81
C ASN A 161 9.94 19.72 5.47
N ARG A 162 9.12 19.74 4.42
CA ARG A 162 9.61 20.16 3.12
C ARG A 162 10.09 21.61 3.16
N ALA A 163 9.35 22.48 3.83
CA ALA A 163 9.79 23.87 3.98
C ALA A 163 11.13 23.93 4.71
N ILE A 164 11.31 23.09 5.72
CA ILE A 164 12.59 23.06 6.44
C ILE A 164 13.70 22.61 5.49
N GLU A 165 13.43 21.58 4.67
CA GLU A 165 14.43 21.12 3.73
C GLU A 165 14.76 22.20 2.70
N LEU A 166 13.74 22.92 2.22
CA LEU A 166 13.98 23.97 1.24
C LEU A 166 14.79 25.12 1.85
N TYR A 167 14.43 25.55 3.05
CA TYR A 167 15.18 26.61 3.72
C TYR A 167 16.63 26.19 3.92
N ASN A 168 16.85 24.98 4.42
CA ASN A 168 18.22 24.52 4.65
C ASN A 168 19.01 24.47 3.36
N ASP A 169 18.39 23.98 2.28
CA ASP A 169 19.06 23.99 0.99
C ASP A 169 19.40 25.40 0.55
N LYS A 170 18.48 26.34 0.76
CA LYS A 170 18.71 27.72 0.35
C LYS A 170 19.89 28.33 1.10
N GLU A 171 19.94 28.14 2.41
CA GLU A 171 21.01 28.76 3.20
C GLU A 171 22.36 28.10 2.91
N LYS A 172 22.38 26.81 2.63
CA LYS A 172 23.65 26.16 2.25
C LYS A 172 24.09 26.57 0.85
N GLY A 173 23.17 27.11 0.03
CA GLY A 173 23.51 27.55 -1.31
C GLY A 173 23.02 26.67 -2.42
N LYS A 174 22.38 25.54 -2.09
CA LYS A 174 21.78 24.66 -3.07
C LYS A 174 20.77 25.40 -3.92
N GLU A 175 20.42 24.79 -5.06
CA GLU A 175 19.36 25.34 -5.90
C GLU A 175 18.01 24.92 -5.32
N VAL A 176 17.04 25.84 -5.36
CA VAL A 176 15.72 25.60 -4.79
C VAL A 176 14.67 26.02 -5.82
N PRO A 177 13.45 25.50 -5.72
CA PRO A 177 12.40 25.93 -6.65
C PRO A 177 12.01 27.37 -6.37
N PHE A 178 11.56 28.07 -7.40
CA PHE A 178 11.32 29.50 -7.26
C PHE A 178 10.30 29.78 -6.16
N PHE A 179 9.23 28.97 -6.09
CA PHE A 179 8.19 29.24 -5.10
C PHE A 179 8.77 29.36 -3.69
N SER A 180 9.85 28.63 -3.40
CA SER A 180 10.44 28.69 -2.07
C SER A 180 10.96 30.08 -1.75
N VAL A 181 11.57 30.74 -2.75
CA VAL A 181 11.99 32.13 -2.55
C VAL A 181 10.80 32.97 -2.14
N LEU A 182 9.69 32.86 -2.89
CA LEU A 182 8.49 33.60 -2.53
C LEU A 182 8.00 33.22 -1.14
N LEU A 183 7.98 31.92 -0.83
CA LEU A 183 7.49 31.47 0.46
C LEU A 183 8.22 32.16 1.60
N PHE A 184 9.55 32.14 1.58
CA PHE A 184 10.35 32.73 2.64
C PHE A 184 10.59 34.22 2.45
N ALA A 185 10.16 34.80 1.33
CA ALA A 185 10.25 36.24 1.14
C ALA A 185 9.16 37.00 1.88
N ARG A 186 8.14 36.31 2.37
CA ARG A 186 7.08 36.98 3.13
C ARG A 186 7.61 37.41 4.49
N ASP A 187 7.35 38.66 4.85
CA ASP A 187 7.85 39.21 6.11
C ASP A 187 7.37 38.42 7.32
N THR A 188 6.27 37.68 7.18
CA THR A 188 5.73 36.87 8.27
C THR A 188 6.27 35.44 8.25
N SER A 189 7.06 35.09 7.24
CA SER A 189 7.57 33.73 7.09
C SER A 189 9.01 33.75 6.59
N ASN A 190 9.86 34.52 7.27
CA ASN A 190 11.25 34.62 6.84
C ASN A 190 11.99 33.30 7.02
N ASP A 191 11.59 32.48 7.98
CA ASP A 191 12.24 31.20 8.24
C ASP A 191 11.20 30.15 8.60
N PRO A 192 11.59 28.87 8.68
CA PRO A 192 10.57 27.83 8.96
C PRO A 192 9.80 28.06 10.25
N GLY A 193 10.45 28.58 11.28
CA GLY A 193 9.73 28.87 12.51
C GLY A 193 8.63 29.89 12.31
N GLN A 194 8.93 30.97 11.59
CA GLN A 194 7.92 31.96 11.27
C GLN A 194 6.83 31.39 10.38
N LEU A 195 7.19 30.49 9.47
CA LEU A 195 6.18 29.78 8.68
C LEU A 195 5.28 28.96 9.57
N LEU A 196 5.85 28.30 10.58
CA LEU A 196 5.05 27.49 11.49
C LEU A 196 4.11 28.36 12.31
N ARG A 197 4.66 29.36 12.99
CA ARG A 197 3.87 30.12 13.95
C ARG A 197 2.81 30.96 13.27
N ASN A 198 3.14 31.62 12.17
CA ASN A 198 2.27 32.63 11.59
C ASN A 198 1.49 32.16 10.37
N HIS A 199 1.67 30.91 9.93
CA HIS A 199 0.88 30.44 8.79
C HIS A 199 0.40 29.00 8.98
N LEU A 200 1.30 28.03 9.06
CA LEU A 200 0.85 26.65 9.22
C LEU A 200 -0.03 26.51 10.45
N ASN A 201 0.40 27.07 11.59
CA ASN A 201 -0.38 26.97 12.82
C ASN A 201 -1.75 27.61 12.66
N GLN A 202 -1.88 28.58 11.76
CA GLN A 202 -3.14 29.31 11.62
C GLN A 202 -4.11 28.64 10.66
N VAL A 203 -3.68 27.67 9.85
CA VAL A 203 -4.61 27.01 8.95
C VAL A 203 -5.49 26.07 9.78
N GLY A 204 -6.80 26.33 9.78
CA GLY A 204 -7.73 25.67 10.67
C GLY A 204 -8.22 26.54 11.79
N HIS A 205 -7.71 27.77 11.92
CA HIS A 205 -8.08 28.64 13.02
C HIS A 205 -8.44 30.03 12.54
N THR A 206 -7.61 30.62 11.69
CA THR A 206 -7.86 31.97 11.19
C THR A 206 -7.84 32.10 9.68
N GLY A 207 -7.49 31.06 8.94
CA GLY A 207 -7.52 31.13 7.49
C GLY A 207 -7.09 29.83 6.87
N GLY A 208 -7.19 29.78 5.54
CA GLY A 208 -6.76 28.64 4.77
C GLY A 208 -5.37 28.81 4.21
N LEU A 209 -5.00 27.89 3.33
CA LEU A 209 -3.68 27.93 2.72
C LEU A 209 -3.55 29.13 1.78
N GLU A 210 -2.39 29.78 1.82
CA GLU A 210 -2.11 30.85 0.88
C GLU A 210 -1.72 30.28 -0.48
N GLN A 211 -1.79 31.13 -1.50
CA GLN A 211 -1.51 30.69 -2.87
C GLN A 211 -0.21 29.91 -2.96
N VAL A 212 0.88 30.47 -2.42
CA VAL A 212 2.18 29.85 -2.58
C VAL A 212 2.40 28.69 -1.62
N GLU A 213 1.54 28.50 -0.64
CA GLU A 213 1.55 27.27 0.15
C GLU A 213 0.92 26.11 -0.61
N MET A 214 0.20 26.38 -1.70
CA MET A 214 -0.25 25.30 -2.57
C MET A 214 0.94 24.57 -3.19
N PHE A 215 1.99 25.31 -3.54
CA PHE A 215 3.22 24.67 -4.00
C PHE A 215 3.79 23.76 -2.92
N LEU A 216 3.88 24.28 -1.69
CA LEU A 216 4.41 23.50 -0.58
C LEU A 216 3.59 22.23 -0.36
N LEU A 217 2.27 22.34 -0.44
CA LEU A 217 1.42 21.16 -0.30
C LEU A 217 1.73 20.15 -1.40
N ALA A 218 1.84 20.62 -2.64
CA ALA A 218 2.12 19.72 -3.76
C ALA A 218 3.45 19.01 -3.57
N TYR A 219 4.48 19.74 -3.12
CA TYR A 219 5.77 19.11 -2.86
C TYR A 219 5.69 18.14 -1.67
N ALA A 220 4.85 18.45 -0.68
CA ALA A 220 4.79 17.62 0.52
C ALA A 220 4.20 16.25 0.23
N VAL A 221 3.15 16.18 -0.59
CA VAL A 221 2.51 14.91 -0.94
C VAL A 221 2.91 14.46 -2.35
N ARG A 222 3.88 15.12 -2.96
CA ARG A 222 4.35 14.79 -4.31
C ARG A 222 3.18 14.46 -5.23
N HIS A 223 2.23 15.38 -5.29
CA HIS A 223 1.14 15.35 -6.25
C HIS A 223 1.13 16.66 -7.03
N THR A 224 0.89 16.58 -8.33
CA THR A 224 0.66 17.77 -9.13
C THR A 224 -0.77 18.23 -8.93
N ILE A 225 -0.93 19.46 -8.45
CA ILE A 225 -2.25 20.03 -8.16
C ILE A 225 -2.60 20.97 -9.31
N GLN A 226 -3.62 20.59 -10.07
CA GLN A 226 -4.11 21.34 -11.22
C GLN A 226 -5.45 21.96 -10.83
N VAL A 227 -5.52 23.29 -10.86
CA VAL A 227 -6.67 24.01 -10.34
C VAL A 227 -7.31 24.83 -11.46
N TYR A 228 -8.58 24.56 -11.71
CA TYR A 228 -9.41 25.45 -12.51
C TYR A 228 -9.83 26.63 -11.63
N ARG A 229 -9.22 27.79 -11.85
CA ARG A 229 -9.53 29.00 -11.08
C ARG A 229 -10.55 29.80 -11.88
N LEU A 230 -11.83 29.58 -11.57
CA LEU A 230 -12.89 30.14 -12.41
C LEU A 230 -12.88 31.66 -12.40
N SER A 231 -12.39 32.28 -11.33
CA SER A 231 -12.35 33.73 -11.27
CA SER A 231 -12.35 33.74 -11.26
C SER A 231 -11.31 34.35 -12.18
N LYS A 232 -10.45 33.53 -12.80
CA LYS A 232 -9.42 34.02 -13.70
C LYS A 232 -9.61 33.43 -15.10
N TYR A 233 -10.87 33.21 -15.49
CA TYR A 233 -11.21 32.76 -16.83
C TYR A 233 -10.65 33.73 -17.87
N ASN A 234 -10.33 33.18 -19.04
CA ASN A 234 -9.82 33.94 -20.17
C ASN A 234 -8.40 34.45 -19.95
N THR A 235 -7.69 33.88 -18.98
CA THR A 235 -6.32 34.28 -18.68
C THR A 235 -5.44 33.04 -18.55
N GLU A 236 -4.13 33.29 -18.48
CA GLU A 236 -3.18 32.19 -18.30
C GLU A 236 -3.41 31.48 -16.97
N GLU A 237 -3.88 32.20 -15.95
CA GLU A 237 -4.04 31.61 -14.63
C GLU A 237 -5.32 30.81 -14.46
N PHE A 238 -6.20 30.82 -15.45
CA PHE A 238 -7.46 30.07 -15.34
C PHE A 238 -7.19 28.64 -14.89
N ILE A 239 -6.17 28.01 -15.44
CA ILE A 239 -5.70 26.69 -15.00
C ILE A 239 -4.30 26.89 -14.45
N THR A 240 -4.18 26.90 -13.13
CA THR A 240 -2.90 27.02 -12.45
C THR A 240 -2.47 25.65 -11.94
N VAL A 241 -1.17 25.37 -12.04
CA VAL A 241 -0.63 24.06 -11.70
C VAL A 241 0.46 24.23 -10.65
N TYR A 242 0.43 23.37 -9.63
CA TYR A 242 1.46 23.31 -8.60
C TYR A 242 2.05 21.91 -8.60
N PRO A 243 3.35 21.72 -8.86
CA PRO A 243 4.36 22.72 -9.23
C PRO A 243 4.14 23.28 -10.64
N THR A 244 4.67 24.47 -10.91
CA THR A 244 4.52 25.11 -12.21
C THR A 244 5.03 24.21 -13.35
N ASP A 245 6.12 23.48 -13.11
CA ASP A 245 6.66 22.47 -14.02
C ASP A 245 6.53 21.14 -13.31
N PRO A 246 5.43 20.42 -13.49
CA PRO A 246 5.19 19.22 -12.68
C PRO A 246 6.04 18.05 -13.15
N PRO A 247 6.66 17.31 -12.22
CA PRO A 247 7.37 16.09 -12.62
C PRO A 247 6.43 15.11 -13.29
N LYS A 248 6.94 14.43 -14.32
CA LYS A 248 6.10 13.54 -15.12
C LYS A 248 5.60 12.33 -14.33
N ASP A 249 6.30 11.93 -13.28
CA ASP A 249 5.91 10.75 -12.52
C ASP A 249 4.90 11.05 -11.42
N TRP A 250 4.75 12.31 -11.02
CA TRP A 250 3.81 12.63 -9.97
C TRP A 250 2.37 12.44 -10.47
N PRO A 251 1.50 11.82 -9.68
CA PRO A 251 0.09 11.76 -10.08
C PRO A 251 -0.54 13.15 -10.05
N VAL A 252 -1.57 13.32 -10.86
CA VAL A 252 -2.25 14.60 -11.02
C VAL A 252 -3.60 14.53 -10.31
N VAL A 253 -3.91 15.55 -9.53
CA VAL A 253 -5.25 15.76 -8.99
C VAL A 253 -5.75 17.11 -9.50
N THR A 254 -7.00 17.16 -9.92
CA THR A 254 -7.60 18.37 -10.46
C THR A 254 -8.59 18.93 -9.45
N LEU A 255 -8.51 20.23 -9.21
CA LEU A 255 -9.41 20.94 -8.32
C LEU A 255 -10.12 22.04 -9.09
N ILE A 256 -11.21 22.53 -8.52
CA ILE A 256 -11.91 23.71 -9.02
C ILE A 256 -12.00 24.69 -7.87
N ALA A 257 -11.46 25.89 -8.06
CA ALA A 257 -11.55 26.96 -7.08
C ALA A 257 -12.42 28.06 -7.69
N GLU A 258 -13.69 28.12 -7.28
CA GLU A 258 -14.56 29.21 -7.71
C GLU A 258 -14.01 30.54 -7.21
N ASP A 259 -13.75 30.64 -5.90
CA ASP A 259 -12.94 31.71 -5.35
C ASP A 259 -11.86 31.07 -4.49
N ASP A 260 -11.13 31.85 -3.70
CA ASP A 260 -10.06 31.29 -2.88
C ASP A 260 -10.56 30.61 -1.62
N ARG A 261 -11.88 30.54 -1.40
CA ARG A 261 -12.44 29.86 -0.25
C ARG A 261 -13.50 28.83 -0.62
N HIS A 262 -13.87 28.72 -1.90
CA HIS A 262 -14.90 27.80 -2.36
C HIS A 262 -14.27 26.82 -3.34
N TYR A 263 -14.13 25.56 -2.94
CA TYR A 263 -13.52 24.54 -3.77
C TYR A 263 -14.54 23.46 -4.11
N ASN A 264 -14.54 23.04 -5.37
CA ASN A 264 -15.18 21.82 -5.82
C ASN A 264 -14.08 20.92 -6.39
N ILE A 265 -14.38 19.63 -6.49
CA ILE A 265 -13.49 18.67 -7.14
C ILE A 265 -14.22 18.06 -8.32
N PRO A 266 -13.66 18.10 -9.53
CA PRO A 266 -14.30 17.44 -10.67
C PRO A 266 -14.09 15.93 -10.61
N VAL A 267 -15.12 15.18 -11.01
CA VAL A 267 -15.05 13.72 -11.01
C VAL A 267 -15.77 13.19 -12.24
N ARG A 268 -15.51 11.92 -12.54
CA ARG A 268 -16.13 11.22 -13.66
C ARG A 268 -15.60 11.77 -14.99
N VAL A 269 -14.43 11.28 -15.41
CA VAL A 269 -13.80 11.78 -16.62
C VAL A 269 -14.66 11.42 -17.83
N CYS A 270 -14.81 12.38 -18.73
CA CYS A 270 -15.71 12.28 -19.87
C CYS A 270 -14.94 12.19 -21.17
N GLU A 271 -15.63 11.79 -22.23
CA GLU A 271 -15.13 11.92 -23.59
C GLU A 271 -16.33 12.07 -24.51
N GLU A 272 -16.12 12.74 -25.63
CA GLU A 272 -17.18 13.15 -26.53
C GLU A 272 -17.01 12.52 -27.91
N THR A 273 -18.13 12.19 -28.54
CA THR A 273 -18.15 11.63 -29.88
C THR A 273 -19.26 12.29 -30.67
N SER A 274 -18.96 12.68 -31.92
CA SER A 274 -19.98 13.21 -32.81
C SER A 274 -20.59 12.08 -33.63
N LEU A 275 -21.81 12.33 -34.10
CA LEU A 275 -22.68 11.28 -34.59
C LEU A 275 -23.63 11.79 -35.67
N LEU B 3 1.75 -11.69 -6.12
CA LEU B 3 2.67 -11.98 -5.03
C LEU B 3 2.78 -13.47 -4.78
N SER B 4 3.96 -14.02 -5.04
CA SER B 4 4.26 -15.41 -4.71
C SER B 4 4.54 -15.61 -3.23
N VAL B 5 4.77 -14.54 -2.48
CA VAL B 5 4.89 -14.57 -1.03
C VAL B 5 3.85 -13.59 -0.50
N ALA B 6 2.78 -14.13 0.11
CA ALA B 6 1.63 -13.33 0.46
C ALA B 6 1.98 -12.30 1.53
N PRO B 7 1.16 -11.26 1.68
CA PRO B 7 1.46 -10.24 2.70
C PRO B 7 1.43 -10.83 4.10
N GLU B 8 2.17 -10.18 4.99
CA GLU B 8 2.28 -10.61 6.38
C GLU B 8 0.92 -10.62 7.07
N MET B 9 0.69 -11.65 7.88
CA MET B 9 -0.49 -11.74 8.72
C MET B 9 -0.11 -12.38 10.04
N ASP B 10 -0.81 -11.98 11.11
CA ASP B 10 -0.50 -12.53 12.43
C ASP B 10 -0.81 -14.02 12.47
N ILE B 11 0.02 -14.77 13.20
CA ILE B 11 -0.14 -16.21 13.28
C ILE B 11 -1.51 -16.56 13.84
N MET B 12 -1.95 -15.81 14.84
CA MET B 12 -3.26 -16.04 15.45
C MET B 12 -4.38 -16.01 14.43
N ASP B 13 -4.31 -15.09 13.47
CA ASP B 13 -5.35 -14.97 12.45
C ASP B 13 -5.22 -16.06 11.42
N TYR B 14 -3.98 -16.44 11.09
CA TYR B 14 -3.77 -17.53 10.15
C TYR B 14 -4.39 -18.82 10.68
N CYS B 15 -4.13 -19.14 11.94
CA CYS B 15 -4.66 -20.37 12.52
C CYS B 15 -6.18 -20.35 12.56
N LYS B 16 -6.77 -19.22 13.00
CA LYS B 16 -8.22 -19.14 13.07
C LYS B 16 -8.87 -19.31 11.70
N LYS B 17 -8.14 -18.96 10.64
CA LYS B 17 -8.67 -19.04 9.29
C LYS B 17 -8.39 -20.39 8.63
N GLU B 18 -7.18 -20.91 8.79
CA GLU B 18 -6.74 -22.08 8.02
C GLU B 18 -6.77 -23.37 8.82
N TRP B 19 -6.75 -23.31 10.15
CA TRP B 19 -6.71 -24.51 11.00
C TRP B 19 -7.82 -24.43 12.04
N ARG B 20 -9.05 -24.26 11.55
CA ARG B 20 -10.20 -24.22 12.43
C ARG B 20 -10.59 -25.62 12.88
N GLY B 21 -11.26 -25.68 14.03
CA GLY B 21 -11.76 -26.94 14.55
C GLY B 21 -10.78 -27.62 15.50
N ASN B 22 -11.26 -28.71 16.10
CA ASN B 22 -10.49 -29.47 17.09
C ASN B 22 -10.11 -30.85 16.58
N THR B 23 -10.03 -31.02 15.26
CA THR B 23 -9.52 -32.27 14.72
C THR B 23 -8.05 -32.43 15.12
N GLN B 24 -7.58 -33.68 15.09
CA GLN B 24 -6.21 -33.95 15.53
C GLN B 24 -5.20 -33.21 14.66
N LYS B 25 -5.41 -33.20 13.34
CA LYS B 25 -4.48 -32.52 12.45
C LYS B 25 -4.46 -31.02 12.71
N ALA B 26 -5.64 -30.41 12.79
CA ALA B 26 -5.70 -28.97 13.06
C ALA B 26 -5.14 -28.64 14.44
N THR B 27 -5.48 -29.45 15.45
CA THR B 27 -4.92 -29.23 16.78
C THR B 27 -3.40 -29.31 16.74
N CYS B 28 -2.86 -30.25 15.97
CA CYS B 28 -1.42 -30.44 15.93
C CYS B 28 -0.71 -29.25 15.30
N MET B 29 -1.20 -28.78 14.14
CA MET B 29 -0.56 -27.62 13.52
C MET B 29 -0.70 -26.39 14.39
N LYS B 30 -1.83 -26.26 15.10
CA LYS B 30 -2.01 -25.10 15.96
C LYS B 30 -1.08 -25.14 17.16
N MET B 31 -0.76 -26.33 17.68
CA MET B 31 0.25 -26.40 18.73
C MET B 31 1.64 -26.20 18.16
N GLY B 32 1.87 -26.60 16.91
CA GLY B 32 3.10 -26.25 16.25
C GLY B 32 3.26 -24.74 16.10
N TYR B 33 2.18 -24.06 15.69
CA TYR B 33 2.24 -22.61 15.59
C TYR B 33 2.37 -21.94 16.95
N GLU B 34 1.87 -22.60 18.00
CA GLU B 34 2.10 -22.08 19.35
CA GLU B 34 2.10 -22.08 19.35
C GLU B 34 3.59 -22.04 19.65
N GLU B 35 4.35 -23.01 19.15
CA GLU B 35 5.80 -22.97 19.32
C GLU B 35 6.41 -21.85 18.49
N VAL B 36 5.99 -21.74 17.22
CA VAL B 36 6.47 -20.64 16.40
C VAL B 36 6.18 -19.30 17.08
N SER B 37 4.98 -19.16 17.64
CA SER B 37 4.56 -17.91 18.26
C SER B 37 5.42 -17.52 19.46
N GLN B 38 6.26 -18.42 19.96
CA GLN B 38 7.17 -18.05 21.04
C GLN B 38 8.33 -17.19 20.54
N LYS B 39 8.51 -17.09 19.23
CA LYS B 39 9.60 -16.31 18.65
C LYS B 39 9.18 -15.36 17.54
N PHE B 40 8.04 -15.58 16.89
CA PHE B 40 7.57 -14.71 15.82
C PHE B 40 6.10 -14.40 16.04
N THR B 41 5.69 -13.18 15.68
CA THR B 41 4.29 -12.81 15.78
C THR B 41 3.51 -13.10 14.51
N SER B 42 4.17 -13.17 13.36
CA SER B 42 3.47 -13.16 12.08
C SER B 42 4.13 -14.13 11.11
N ILE B 43 3.44 -14.32 9.98
CA ILE B 43 3.75 -15.36 9.01
C ILE B 43 3.39 -14.82 7.64
N ARG B 44 4.15 -15.25 6.62
CA ARG B 44 3.85 -14.94 5.24
C ARG B 44 3.70 -16.25 4.47
N ARG B 45 2.58 -16.39 3.75
CA ARG B 45 2.31 -17.60 3.01
C ARG B 45 3.13 -17.63 1.73
N VAL B 46 3.77 -18.76 1.48
CA VAL B 46 4.59 -18.97 0.29
C VAL B 46 3.76 -19.72 -0.73
N ARG B 47 3.86 -19.32 -2.00
CA ARG B 47 3.18 -20.03 -3.08
C ARG B 47 3.63 -21.49 -3.06
N GLY B 48 2.65 -22.39 -2.98
CA GLY B 48 2.94 -23.80 -2.85
C GLY B 48 3.07 -24.52 -4.18
N ASP B 49 3.93 -24.01 -5.07
CA ASP B 49 4.23 -24.71 -6.30
C ASP B 49 5.50 -25.55 -6.09
N ASN B 50 6.06 -26.06 -7.18
CA ASN B 50 7.25 -26.90 -7.08
C ASN B 50 8.49 -26.13 -6.64
N TYR B 51 8.41 -24.80 -6.53
CA TYR B 51 9.52 -23.98 -6.07
C TYR B 51 9.36 -23.55 -4.62
N ALA B 52 8.36 -24.08 -3.90
CA ALA B 52 7.98 -23.51 -2.61
C ALA B 52 9.16 -23.42 -1.65
N ALA B 53 9.84 -24.54 -1.41
CA ALA B 53 10.94 -24.53 -0.44
C ALA B 53 12.06 -23.59 -0.87
N LEU B 54 12.30 -23.48 -2.17
CA LEU B 54 13.31 -22.54 -2.66
CA LEU B 54 13.31 -22.55 -2.65
C LEU B 54 12.84 -21.11 -2.50
N ARG B 55 11.60 -20.83 -2.89
CA ARG B 55 11.06 -19.48 -2.76
C ARG B 55 11.09 -19.03 -1.31
N ALA B 56 10.68 -19.90 -0.39
CA ALA B 56 10.68 -19.54 1.02
C ALA B 56 12.10 -19.21 1.50
N THR B 57 13.06 -20.06 1.15
CA THR B 57 14.43 -19.87 1.61
C THR B 57 15.00 -18.57 1.06
N LEU B 58 14.84 -18.34 -0.24
CA LEU B 58 15.47 -17.18 -0.87
C LEU B 58 14.81 -15.88 -0.43
N PHE B 59 13.49 -15.85 -0.34
CA PHE B 59 12.81 -14.67 0.17
C PHE B 59 13.35 -14.30 1.56
N GLN B 60 13.48 -15.30 2.44
CA GLN B 60 13.97 -15.03 3.79
C GLN B 60 15.42 -14.53 3.76
N ALA B 61 16.28 -15.22 3.01
CA ALA B 61 17.68 -14.81 2.94
C ALA B 61 17.80 -13.39 2.38
N MET B 62 17.10 -13.11 1.29
CA MET B 62 17.25 -11.80 0.66
C MET B 62 16.60 -10.71 1.49
N SER B 63 15.41 -10.97 2.05
CA SER B 63 14.75 -9.96 2.87
C SER B 63 15.53 -9.65 4.14
N GLN B 64 16.44 -10.54 4.57
CA GLN B 64 17.27 -10.32 5.74
C GLN B 64 18.65 -9.79 5.40
N ALA B 65 18.93 -9.53 4.13
CA ALA B 65 20.27 -9.15 3.70
C ALA B 65 20.64 -7.79 4.27
N VAL B 66 21.64 -7.78 5.16
CA VAL B 66 22.26 -6.52 5.59
C VAL B 66 23.60 -6.30 4.90
N GLY B 67 24.16 -7.33 4.27
CA GLY B 67 25.35 -7.18 3.45
C GLY B 67 25.33 -8.21 2.35
N LEU B 68 26.14 -7.98 1.33
CA LEU B 68 26.28 -8.94 0.24
C LEU B 68 27.18 -10.08 0.70
N PRO B 69 26.72 -11.33 0.64
CA PRO B 69 27.56 -12.45 1.10
C PRO B 69 28.85 -12.52 0.30
N PRO B 70 29.98 -12.85 0.94
CA PRO B 70 31.23 -12.93 0.18
C PRO B 70 31.14 -13.83 -1.05
N TRP B 71 30.38 -14.93 -0.96
CA TRP B 71 30.30 -15.84 -2.10
C TRP B 71 29.52 -15.22 -3.26
N LEU B 72 28.61 -14.29 -2.98
CA LEU B 72 27.88 -13.60 -4.02
C LEU B 72 28.60 -12.36 -4.51
N GLN B 73 29.37 -11.71 -3.62
CA GLN B 73 30.20 -10.58 -4.02
C GLN B 73 31.38 -11.02 -4.87
N ASP B 74 31.87 -12.23 -4.66
CA ASP B 74 33.09 -12.72 -5.29
C ASP B 74 33.06 -12.48 -6.79
N PRO B 75 34.01 -11.73 -7.36
CA PRO B 75 34.00 -11.53 -8.82
C PRO B 75 34.10 -12.81 -9.60
N GLU B 76 34.78 -13.83 -9.07
CA GLU B 76 34.95 -15.08 -9.81
C GLU B 76 33.63 -15.80 -10.04
N LEU B 77 32.58 -15.44 -9.30
CA LEU B 77 31.31 -16.15 -9.44
C LEU B 77 30.71 -15.98 -10.83
N MET B 78 30.89 -14.80 -11.44
CA MET B 78 30.35 -14.57 -12.77
C MET B 78 31.09 -15.35 -13.84
N LEU B 79 32.29 -15.85 -13.53
CA LEU B 79 33.03 -16.71 -14.44
C LEU B 79 32.79 -18.18 -14.19
N LEU B 80 32.03 -18.52 -13.14
CA LEU B 80 31.75 -19.91 -12.85
C LEU B 80 30.97 -20.61 -13.96
N PRO B 81 29.93 -20.00 -14.55
CA PRO B 81 29.21 -20.71 -15.62
C PRO B 81 30.11 -21.11 -16.78
N GLU B 82 30.94 -20.20 -17.25
CA GLU B 82 31.86 -20.52 -18.34
C GLU B 82 32.83 -21.62 -17.93
N LYS B 83 33.48 -21.45 -16.78
CA LYS B 83 34.45 -22.45 -16.33
C LYS B 83 33.80 -23.82 -16.18
N LEU B 84 32.65 -23.88 -15.50
CA LEU B 84 32.02 -25.16 -15.24
C LEU B 84 31.54 -25.81 -16.54
N ILE B 85 30.77 -25.09 -17.35
CA ILE B 85 30.21 -25.67 -18.57
C ILE B 85 31.32 -26.04 -19.53
N SER B 86 32.41 -25.25 -19.57
CA SER B 86 33.56 -25.63 -20.38
C SER B 86 34.18 -26.92 -19.87
N LYS B 87 34.23 -27.09 -18.55
CA LYS B 87 34.88 -28.27 -17.97
C LYS B 87 33.99 -29.50 -18.06
N TYR B 88 32.67 -29.34 -18.01
CA TYR B 88 31.73 -30.46 -17.96
C TYR B 88 30.68 -30.28 -19.04
N ASN B 89 30.84 -31.00 -20.15
CA ASN B 89 29.89 -30.89 -21.26
C ASN B 89 28.49 -31.29 -20.84
N TRP B 90 28.36 -32.24 -19.91
CA TRP B 90 27.04 -32.75 -19.55
C TRP B 90 26.15 -31.69 -18.94
N ILE B 91 26.73 -30.60 -18.44
CA ILE B 91 25.91 -29.55 -17.83
C ILE B 91 24.99 -28.91 -18.87
N LYS B 92 25.31 -29.01 -20.15
CA LYS B 92 24.46 -28.44 -21.19
C LYS B 92 23.14 -29.19 -21.34
N GLN B 93 22.96 -30.29 -20.62
CA GLN B 93 21.65 -30.91 -20.47
C GLN B 93 20.77 -30.14 -19.49
N TRP B 94 21.22 -28.97 -19.05
CA TRP B 94 20.43 -28.13 -18.17
C TRP B 94 19.11 -27.75 -18.83
N LYS B 95 18.02 -27.91 -18.08
CA LYS B 95 16.69 -27.53 -18.56
C LYS B 95 16.27 -26.21 -17.93
N LEU B 96 15.66 -25.35 -18.73
CA LEU B 96 15.25 -24.03 -18.26
C LEU B 96 13.76 -24.01 -17.94
N ASP B 106 22.47 -19.01 -25.87
CA ASP B 106 23.42 -19.88 -25.20
C ASP B 106 22.90 -20.26 -23.81
N LEU B 107 23.65 -21.14 -23.13
CA LEU B 107 23.39 -21.47 -21.74
C LEU B 107 24.29 -20.70 -20.78
N VAL B 108 25.57 -20.55 -21.13
CA VAL B 108 26.49 -19.82 -20.27
C VAL B 108 25.98 -18.41 -20.01
N ASP B 109 25.44 -17.76 -21.05
CA ASP B 109 25.00 -16.38 -20.90
C ASP B 109 23.77 -16.28 -20.01
N LYS B 110 22.80 -17.19 -20.18
CA LYS B 110 21.57 -17.10 -19.41
C LYS B 110 21.83 -17.32 -17.93
N ILE B 111 22.69 -18.27 -17.59
CA ILE B 111 23.02 -18.50 -16.18
C ILE B 111 23.84 -17.33 -15.65
N LYS B 112 24.78 -16.82 -16.45
CA LYS B 112 25.51 -15.62 -16.04
C LYS B 112 24.55 -14.47 -15.79
N GLU B 113 23.52 -14.34 -16.63
CA GLU B 113 22.53 -13.29 -16.44
C GLU B 113 21.71 -13.53 -15.19
N SER B 114 21.37 -14.79 -14.91
CA SER B 114 20.63 -15.10 -13.68
C SER B 114 21.48 -14.78 -12.46
N LEU B 115 22.77 -15.12 -12.49
CA LEU B 115 23.64 -14.85 -11.36
C LEU B 115 23.83 -13.34 -11.16
N THR B 116 23.96 -12.59 -12.26
CA THR B 116 24.04 -11.14 -12.15
C THR B 116 22.77 -10.58 -11.53
N LEU B 117 21.62 -11.08 -11.96
CA LEU B 117 20.35 -10.65 -11.37
C LEU B 117 20.34 -10.93 -9.87
N LEU B 118 20.71 -12.15 -9.48
CA LEU B 118 20.75 -12.49 -8.06
C LEU B 118 21.66 -11.54 -7.29
N ARG B 119 22.86 -11.30 -7.82
CA ARG B 119 23.79 -10.38 -7.16
C ARG B 119 23.22 -8.97 -7.12
N LYS B 120 22.65 -8.50 -8.22
CA LYS B 120 22.11 -7.15 -8.26
C LYS B 120 21.01 -6.95 -7.24
N LYS B 121 20.04 -7.87 -7.21
CA LYS B 121 18.92 -7.73 -6.28
C LYS B 121 19.39 -7.86 -4.84
N TRP B 122 20.28 -8.81 -4.57
CA TRP B 122 20.80 -8.98 -3.21
C TRP B 122 21.57 -7.74 -2.77
N ALA B 123 22.35 -7.14 -3.68
CA ALA B 123 23.12 -5.95 -3.32
C ALA B 123 22.20 -4.76 -3.05
N GLY B 124 21.18 -4.58 -3.88
CA GLY B 124 20.24 -3.50 -3.65
C GLY B 124 19.51 -3.65 -2.33
N LEU B 125 19.14 -4.89 -1.98
CA LEU B 125 18.48 -5.11 -0.69
C LEU B 125 19.43 -4.81 0.46
N ALA B 126 20.70 -5.20 0.33
CA ALA B 126 21.65 -4.98 1.40
C ALA B 126 21.95 -3.51 1.64
N GLU B 127 21.66 -2.64 0.66
CA GLU B 127 21.90 -1.21 0.82
C GLU B 127 20.82 -0.52 1.65
N MET B 128 19.66 -1.12 1.78
CA MET B 128 18.53 -0.48 2.45
C MET B 128 18.73 -0.50 3.96
N ARG B 129 18.34 0.60 4.61
CA ARG B 129 18.68 0.82 6.00
C ARG B 129 17.81 0.05 6.97
N THR B 130 16.62 -0.39 6.55
CA THR B 130 15.67 -1.01 7.46
C THR B 130 15.16 -2.33 6.87
N ALA B 131 14.86 -3.28 7.76
CA ALA B 131 14.30 -4.55 7.32
C ALA B 131 12.93 -4.33 6.67
N GLU B 132 12.15 -3.39 7.19
CA GLU B 132 10.85 -3.10 6.60
C GLU B 132 10.99 -2.72 5.13
N ALA B 133 11.96 -1.86 4.81
CA ALA B 133 12.17 -1.47 3.43
C ALA B 133 12.59 -2.66 2.58
N ARG B 134 13.44 -3.55 3.13
CA ARG B 134 13.81 -4.74 2.40
C ARG B 134 12.59 -5.61 2.10
N GLN B 135 11.69 -5.76 3.08
CA GLN B 135 10.47 -6.52 2.85
C GLN B 135 9.71 -5.99 1.66
N ILE B 136 9.50 -4.67 1.63
CA ILE B 136 8.77 -4.05 0.52
C ILE B 136 9.46 -4.34 -0.81
N ALA B 137 10.77 -4.08 -0.87
CA ALA B 137 11.50 -4.33 -2.11
C ALA B 137 11.43 -5.80 -2.51
N CYS B 138 11.49 -6.70 -1.53
CA CYS B 138 11.37 -8.12 -1.85
C CYS B 138 10.03 -8.42 -2.49
N ASP B 139 8.96 -7.77 -2.03
CA ASP B 139 7.64 -8.01 -2.61
C ASP B 139 7.57 -7.54 -4.05
N GLU B 140 8.28 -6.45 -4.39
CA GLU B 140 8.37 -6.06 -5.79
C GLU B 140 9.14 -7.10 -6.59
N LEU B 141 10.03 -7.85 -5.95
CA LEU B 141 10.85 -8.82 -6.65
C LEU B 141 10.14 -10.16 -6.81
N PHE B 142 9.40 -10.60 -5.80
CA PHE B 142 8.77 -11.91 -5.80
C PHE B 142 7.32 -11.77 -6.25
N THR B 143 7.14 -11.59 -7.56
CA THR B 143 5.80 -11.44 -8.14
C THR B 143 5.47 -12.56 -9.12
N ASN B 144 6.14 -13.71 -9.00
CA ASN B 144 5.88 -14.86 -9.85
C ASN B 144 6.23 -14.58 -11.31
N GLU B 145 7.17 -13.66 -11.52
CA GLU B 145 7.55 -13.20 -12.84
C GLU B 145 8.91 -13.78 -13.23
N ALA B 146 9.41 -13.36 -14.40
CA ALA B 146 10.62 -13.94 -14.94
C ALA B 146 11.82 -13.69 -14.03
N GLU B 147 11.88 -12.51 -13.41
CA GLU B 147 13.01 -12.21 -12.54
C GLU B 147 13.09 -13.21 -11.38
N GLU B 148 11.96 -13.46 -10.73
CA GLU B 148 11.96 -14.43 -9.63
C GLU B 148 12.49 -15.78 -10.09
N TYR B 149 11.95 -16.31 -11.19
CA TYR B 149 12.36 -17.63 -11.65
C TYR B 149 13.79 -17.62 -12.18
N SER B 150 14.29 -16.47 -12.63
CA SER B 150 15.70 -16.36 -12.97
C SER B 150 16.56 -16.52 -11.72
N LEU B 151 16.07 -16.06 -10.57
CA LEU B 151 16.82 -16.25 -9.33
C LEU B 151 16.92 -17.73 -8.97
N TYR B 152 15.87 -18.49 -9.25
CA TYR B 152 15.89 -19.93 -8.96
C TYR B 152 16.85 -20.66 -9.90
N GLU B 153 16.98 -20.20 -11.14
CA GLU B 153 17.99 -20.77 -12.03
C GLU B 153 19.38 -20.55 -11.44
N ALA B 154 19.66 -19.34 -10.96
CA ALA B 154 20.96 -19.06 -10.37
C ALA B 154 21.23 -19.97 -9.17
N VAL B 155 20.28 -20.05 -8.25
CA VAL B 155 20.49 -20.85 -7.04
C VAL B 155 20.67 -22.32 -7.39
N LYS B 156 19.82 -22.83 -8.29
CA LYS B 156 19.97 -24.23 -8.71
C LYS B 156 21.33 -24.47 -9.35
N PHE B 157 21.85 -23.48 -10.08
CA PHE B 157 23.18 -23.64 -10.64
C PHE B 157 24.25 -23.65 -9.55
N LEU B 158 24.07 -22.85 -8.51
CA LEU B 158 24.99 -22.90 -7.38
C LEU B 158 24.87 -24.20 -6.62
N MET B 159 23.66 -24.78 -6.58
CA MET B 159 23.51 -26.10 -5.96
C MET B 159 24.25 -27.17 -6.77
N LEU B 160 24.16 -27.11 -8.09
CA LEU B 160 24.90 -28.05 -8.93
C LEU B 160 26.40 -27.90 -8.71
N ASN B 161 26.88 -26.65 -8.69
CA ASN B 161 28.31 -26.42 -8.50
C ASN B 161 28.79 -27.05 -7.20
N ARG B 162 28.04 -26.83 -6.11
CA ARG B 162 28.42 -27.40 -4.82
C ARG B 162 28.38 -28.92 -4.86
N ALA B 163 27.40 -29.49 -5.57
CA ALA B 163 27.34 -30.94 -5.71
C ALA B 163 28.55 -31.46 -6.46
N ILE B 164 29.01 -30.72 -7.48
CA ILE B 164 30.20 -31.12 -8.21
C ILE B 164 31.42 -31.07 -7.29
N GLU B 165 31.55 -29.97 -6.54
CA GLU B 165 32.67 -29.86 -5.61
C GLU B 165 32.65 -30.99 -4.59
N LEU B 166 31.47 -31.29 -4.03
CA LEU B 166 31.37 -32.35 -3.03
C LEU B 166 31.66 -33.71 -3.66
N TYR B 167 31.14 -33.97 -4.86
CA TYR B 167 31.42 -35.23 -5.53
C TYR B 167 32.93 -35.37 -5.80
N ASN B 168 33.58 -34.29 -6.17
CA ASN B 168 35.02 -34.36 -6.46
C ASN B 168 35.82 -34.56 -5.19
N ASP B 169 35.45 -33.88 -4.10
CA ASP B 169 36.17 -34.05 -2.85
C ASP B 169 36.06 -35.49 -2.35
N LYS B 170 34.90 -36.13 -2.57
CA LYS B 170 34.71 -37.50 -2.13
C LYS B 170 35.55 -38.47 -2.95
N GLU B 171 35.52 -38.31 -4.27
CA GLU B 171 36.31 -39.15 -5.16
C GLU B 171 37.81 -38.99 -4.92
N LYS B 172 38.23 -37.85 -4.38
CA LYS B 172 39.62 -37.62 -4.02
C LYS B 172 39.96 -38.13 -2.63
N GLY B 173 39.01 -38.75 -1.94
CA GLY B 173 39.25 -39.23 -0.60
C GLY B 173 39.20 -38.17 0.47
N LYS B 174 38.89 -36.93 0.12
CA LYS B 174 38.71 -35.89 1.12
C LYS B 174 37.39 -36.10 1.84
N GLU B 175 37.31 -35.54 3.05
CA GLU B 175 36.12 -35.73 3.87
C GLU B 175 35.03 -34.75 3.46
N VAL B 176 33.81 -35.27 3.38
CA VAL B 176 32.65 -34.57 2.84
C VAL B 176 31.55 -34.57 3.90
N PRO B 177 30.62 -33.61 3.89
CA PRO B 177 29.50 -33.69 4.84
C PRO B 177 28.66 -34.93 4.60
N PHE B 178 28.04 -35.42 5.68
CA PHE B 178 27.32 -36.70 5.59
C PHE B 178 26.16 -36.63 4.60
N PHE B 179 25.50 -35.47 4.50
CA PHE B 179 24.39 -35.35 3.57
C PHE B 179 24.83 -35.64 2.14
N SER B 180 26.08 -35.34 1.81
CA SER B 180 26.57 -35.60 0.47
C SER B 180 26.61 -37.10 0.18
N VAL B 181 26.90 -37.92 1.19
CA VAL B 181 26.83 -39.36 1.02
C VAL B 181 25.40 -39.78 0.67
N LEU B 182 24.42 -39.24 1.41
CA LEU B 182 23.02 -39.54 1.12
C LEU B 182 22.63 -39.01 -0.25
N LEU B 183 23.06 -37.79 -0.58
CA LEU B 183 22.73 -37.19 -1.86
C LEU B 183 23.10 -38.11 -3.01
N PHE B 184 24.35 -38.57 -3.04
CA PHE B 184 24.84 -39.40 -4.12
C PHE B 184 24.59 -40.89 -3.89
N ALA B 185 24.05 -41.28 -2.75
CA ALA B 185 23.65 -42.66 -2.53
C ALA B 185 22.31 -42.99 -3.16
N ARG B 186 21.56 -41.99 -3.61
CA ARG B 186 20.28 -42.24 -4.25
C ARG B 186 20.50 -42.82 -5.65
N ASP B 187 19.65 -43.79 -6.01
CA ASP B 187 19.81 -44.45 -7.30
C ASP B 187 19.73 -43.47 -8.46
N THR B 188 18.94 -42.41 -8.31
CA THR B 188 18.71 -41.44 -9.38
C THR B 188 19.75 -40.33 -9.42
N SER B 189 20.68 -40.29 -8.45
CA SER B 189 21.59 -39.17 -8.31
C SER B 189 22.98 -39.66 -7.89
N ASN B 190 23.43 -40.76 -8.50
CA ASN B 190 24.71 -41.34 -8.12
C ASN B 190 25.88 -40.40 -8.41
N ASP B 191 25.78 -39.59 -9.45
CA ASP B 191 26.80 -38.62 -9.83
C ASP B 191 26.15 -37.29 -10.12
N PRO B 192 26.94 -36.22 -10.24
CA PRO B 192 26.34 -34.89 -10.45
C PRO B 192 25.51 -34.79 -11.73
N GLY B 193 25.94 -35.45 -12.80
CA GLY B 193 25.14 -35.45 -14.01
C GLY B 193 23.78 -36.08 -13.80
N GLN B 194 23.72 -37.16 -13.03
CA GLN B 194 22.44 -37.75 -12.66
C GLN B 194 21.64 -36.78 -11.78
N LEU B 195 22.33 -36.09 -10.87
CA LEU B 195 21.66 -35.08 -10.04
C LEU B 195 21.00 -34.03 -10.92
N LEU B 196 21.68 -33.57 -11.97
CA LEU B 196 21.12 -32.57 -12.84
C LEU B 196 19.92 -33.11 -13.61
N ARG B 197 20.10 -34.24 -14.30
CA ARG B 197 19.07 -34.72 -15.21
C ARG B 197 17.83 -35.18 -14.46
N ASN B 198 18.01 -35.84 -13.31
CA ASN B 198 16.91 -36.50 -12.63
C ASN B 198 16.32 -35.70 -11.48
N HIS B 199 16.98 -34.65 -11.03
CA HIS B 199 16.51 -33.91 -9.87
C HIS B 199 16.48 -32.41 -10.13
N LEU B 200 17.65 -31.79 -10.25
CA LEU B 200 17.69 -30.34 -10.42
C LEU B 200 16.87 -29.91 -11.64
N ASN B 201 16.99 -30.64 -12.75
CA ASN B 201 16.24 -30.29 -13.95
C ASN B 201 14.74 -30.35 -13.70
N GLN B 202 14.28 -31.23 -12.83
CA GLN B 202 12.84 -31.34 -12.60
C GLN B 202 12.37 -30.48 -11.43
N VAL B 203 13.27 -30.01 -10.57
CA VAL B 203 12.85 -29.12 -9.49
C VAL B 203 12.15 -27.92 -10.10
N GLY B 204 10.94 -27.64 -9.61
CA GLY B 204 10.15 -26.54 -10.15
C GLY B 204 9.38 -26.86 -11.40
N HIS B 205 9.38 -28.11 -11.83
CA HIS B 205 8.68 -28.52 -13.04
C HIS B 205 7.85 -29.77 -12.78
N THR B 206 8.46 -30.77 -12.15
CA THR B 206 7.79 -32.01 -11.79
C THR B 206 7.66 -32.21 -10.29
N GLY B 207 8.37 -31.43 -9.49
CA GLY B 207 8.30 -31.59 -8.04
C GLY B 207 9.23 -30.60 -7.37
N GLY B 208 9.22 -30.64 -6.05
CA GLY B 208 10.04 -29.76 -5.24
C GLY B 208 11.33 -30.43 -4.77
N LEU B 209 12.10 -29.65 -4.02
CA LEU B 209 13.36 -30.16 -3.48
C LEU B 209 13.09 -31.32 -2.53
N GLU B 210 13.86 -32.40 -2.66
CA GLU B 210 13.85 -33.44 -1.66
C GLU B 210 14.56 -32.95 -0.41
N GLN B 211 14.30 -33.63 0.71
CA GLN B 211 14.87 -33.19 1.99
C GLN B 211 16.38 -33.13 1.92
N VAL B 212 17.02 -34.09 1.25
CA VAL B 212 18.47 -34.09 1.17
C VAL B 212 18.97 -32.92 0.34
N GLU B 213 18.18 -32.46 -0.64
CA GLU B 213 18.54 -31.29 -1.42
C GLU B 213 18.37 -29.99 -0.65
N MET B 214 17.75 -30.04 0.54
CA MET B 214 17.73 -28.87 1.40
C MET B 214 19.10 -28.61 2.01
N PHE B 215 19.85 -29.67 2.31
CA PHE B 215 21.23 -29.50 2.72
C PHE B 215 22.05 -28.83 1.63
N LEU B 216 21.86 -29.26 0.38
CA LEU B 216 22.63 -28.71 -0.73
C LEU B 216 22.28 -27.25 -0.97
N LEU B 217 21.00 -26.89 -0.82
CA LEU B 217 20.62 -25.49 -0.90
C LEU B 217 21.33 -24.67 0.16
N ALA B 218 21.31 -25.14 1.41
CA ALA B 218 21.96 -24.42 2.50
C ALA B 218 23.44 -24.21 2.21
N TYR B 219 24.12 -25.23 1.68
CA TYR B 219 25.53 -25.10 1.34
C TYR B 219 25.72 -24.15 0.17
N ALA B 220 24.81 -24.20 -0.81
CA ALA B 220 24.97 -23.39 -2.02
C ALA B 220 24.89 -21.90 -1.70
N VAL B 221 23.98 -21.50 -0.81
CA VAL B 221 23.84 -20.09 -0.46
C VAL B 221 24.44 -19.76 0.89
N ARG B 222 25.07 -20.73 1.55
CA ARG B 222 25.74 -20.53 2.83
C ARG B 222 24.81 -19.86 3.83
N HIS B 223 23.58 -20.35 3.90
CA HIS B 223 22.61 -19.97 4.91
C HIS B 223 22.21 -21.22 5.69
N THR B 224 22.14 -21.10 7.01
CA THR B 224 21.57 -22.14 7.86
C THR B 224 20.05 -22.06 7.76
N ILE B 225 19.42 -23.12 7.26
CA ILE B 225 17.99 -23.15 7.08
C ILE B 225 17.37 -23.89 8.26
N GLN B 226 16.57 -23.17 9.04
CA GLN B 226 15.90 -23.69 10.23
C GLN B 226 14.42 -23.86 9.90
N VAL B 227 13.94 -25.10 9.94
CA VAL B 227 12.60 -25.42 9.45
C VAL B 227 11.77 -25.98 10.60
N TYR B 228 10.70 -25.26 10.95
CA TYR B 228 9.63 -25.83 11.76
C TYR B 228 8.81 -26.78 10.90
N ARG B 229 8.97 -28.08 11.11
CA ARG B 229 8.23 -29.10 10.37
C ARG B 229 7.03 -29.52 11.23
N LEU B 230 5.91 -28.83 11.02
CA LEU B 230 4.77 -29.00 11.91
C LEU B 230 4.26 -30.43 11.92
N SER B 231 4.42 -31.16 10.80
CA SER B 231 4.01 -32.55 10.78
C SER B 231 4.85 -33.41 11.72
N LYS B 232 5.97 -32.89 12.22
CA LYS B 232 6.86 -33.63 13.11
C LYS B 232 6.77 -33.12 14.56
N TYR B 233 5.68 -32.43 14.90
CA TYR B 233 5.48 -32.00 16.28
C TYR B 233 5.61 -33.20 17.21
N ASN B 234 6.18 -32.96 18.39
CA ASN B 234 6.38 -33.99 19.39
C ASN B 234 7.43 -35.02 18.97
N THR B 235 8.29 -34.66 18.02
CA THR B 235 9.41 -35.49 17.61
C THR B 235 10.67 -34.65 17.55
N GLU B 236 11.81 -35.34 17.46
CA GLU B 236 13.10 -34.64 17.38
C GLU B 236 13.24 -33.85 16.08
N GLU B 237 12.44 -34.16 15.06
CA GLU B 237 12.52 -33.48 13.78
C GLU B 237 11.62 -32.26 13.68
N PHE B 238 10.85 -31.94 14.73
CA PHE B 238 9.96 -30.79 14.66
C PHE B 238 10.72 -29.55 14.20
N ILE B 239 11.90 -29.31 14.77
CA ILE B 239 12.81 -28.27 14.31
C ILE B 239 13.99 -28.97 13.64
N THR B 240 14.03 -28.92 12.31
CA THR B 240 15.11 -29.50 11.54
C THR B 240 15.98 -28.38 10.97
N VAL B 241 17.29 -28.54 11.11
CA VAL B 241 18.25 -27.50 10.72
C VAL B 241 19.12 -28.04 9.60
N TYR B 242 19.23 -27.27 8.52
CA TYR B 242 20.13 -27.58 7.41
C TYR B 242 21.20 -26.51 7.35
N PRO B 243 22.50 -26.83 7.50
CA PRO B 243 23.04 -28.16 7.82
C PRO B 243 22.83 -28.52 9.29
N THR B 244 23.04 -29.79 9.64
CA THR B 244 22.70 -30.24 10.99
C THR B 244 23.56 -29.58 12.05
N ASP B 245 24.82 -29.26 11.74
CA ASP B 245 25.73 -28.57 12.65
C ASP B 245 26.08 -27.22 12.04
N PRO B 246 25.28 -26.19 12.32
CA PRO B 246 25.44 -24.90 11.61
C PRO B 246 26.85 -24.36 11.74
N PRO B 247 27.45 -23.91 10.64
CA PRO B 247 28.64 -23.05 10.75
C PRO B 247 28.30 -21.79 11.54
N LYS B 248 29.17 -21.43 12.48
CA LYS B 248 28.84 -20.38 13.43
C LYS B 248 28.51 -19.07 12.74
N ASP B 249 29.09 -18.81 11.58
CA ASP B 249 28.99 -17.50 10.94
C ASP B 249 27.96 -17.44 9.81
N TRP B 250 27.32 -18.55 9.46
CA TRP B 250 26.30 -18.50 8.43
C TRP B 250 25.05 -17.81 8.96
N PRO B 251 24.41 -16.95 8.18
CA PRO B 251 23.13 -16.39 8.60
C PRO B 251 22.04 -17.46 8.62
N VAL B 252 21.06 -17.27 9.50
CA VAL B 252 20.00 -18.23 9.73
C VAL B 252 18.71 -17.72 9.09
N VAL B 253 18.05 -18.57 8.31
CA VAL B 253 16.69 -18.31 7.85
C VAL B 253 15.79 -19.37 8.45
N THR B 254 14.61 -18.96 8.90
CA THR B 254 13.65 -19.86 9.52
C THR B 254 12.44 -20.00 8.60
N LEU B 255 12.07 -21.23 8.30
CA LEU B 255 10.90 -21.54 7.50
C LEU B 255 9.93 -22.38 8.30
N ILE B 256 8.71 -22.46 7.81
CA ILE B 256 7.68 -23.33 8.36
C ILE B 256 7.18 -24.23 7.24
N ALA B 257 7.25 -25.54 7.46
CA ALA B 257 6.71 -26.52 6.51
C ALA B 257 5.58 -27.26 7.21
N GLU B 258 4.33 -26.88 6.91
CA GLU B 258 3.20 -27.66 7.40
C GLU B 258 3.28 -29.09 6.91
N ASP B 259 3.60 -29.27 5.63
CA ASP B 259 3.91 -30.57 5.04
C ASP B 259 4.96 -30.32 3.97
N ASP B 260 5.22 -31.34 3.15
CA ASP B 260 6.24 -31.19 2.11
C ASP B 260 5.82 -30.18 1.04
N ARG B 261 4.53 -29.90 0.91
CA ARG B 261 4.03 -29.08 -0.19
C ARG B 261 3.76 -27.64 0.20
N HIS B 262 3.43 -27.37 1.46
CA HIS B 262 2.98 -26.05 1.90
C HIS B 262 4.01 -25.44 2.84
N TYR B 263 4.50 -24.25 2.47
CA TYR B 263 5.50 -23.55 3.25
C TYR B 263 5.00 -22.16 3.64
N ASN B 264 5.31 -21.75 4.86
CA ASN B 264 5.14 -20.38 5.31
C ASN B 264 6.47 -19.89 5.86
N ILE B 265 6.60 -18.57 5.98
CA ILE B 265 7.80 -17.93 6.51
CA ILE B 265 7.79 -17.95 6.54
C ILE B 265 7.40 -17.13 7.76
N PRO B 266 8.00 -17.39 8.92
CA PRO B 266 7.71 -16.56 10.10
C PRO B 266 8.50 -15.25 10.05
N VAL B 267 7.88 -14.20 10.61
CA VAL B 267 8.49 -12.88 10.62
C VAL B 267 8.09 -12.13 11.89
N ARG B 268 8.83 -11.05 12.16
CA ARG B 268 8.59 -10.16 13.30
C ARG B 268 8.96 -10.84 14.61
N VAL B 269 10.25 -10.79 14.97
CA VAL B 269 10.71 -11.41 16.20
C VAL B 269 9.96 -10.83 17.39
N CYS B 270 9.61 -11.70 18.33
CA CYS B 270 8.77 -11.35 19.46
C CYS B 270 9.54 -11.50 20.77
N GLU B 271 9.03 -10.85 21.80
CA GLU B 271 9.45 -11.08 23.18
C GLU B 271 8.21 -11.12 24.05
N GLU B 272 8.30 -11.87 25.14
CA GLU B 272 7.17 -12.05 26.07
C GLU B 272 7.62 -11.73 27.48
N THR B 273 6.74 -11.08 28.24
CA THR B 273 6.99 -10.75 29.63
C THR B 273 5.71 -10.90 30.43
N SER B 274 5.85 -11.33 31.68
CA SER B 274 4.72 -11.52 32.57
C SER B 274 4.45 -10.23 33.34
N LEU B 275 3.20 -9.79 33.32
CA LEU B 275 2.78 -8.64 34.12
C LEU B 275 1.93 -9.11 35.30
N GLY C 1 -38.61 15.75 -17.92
CA GLY C 1 -39.05 14.37 -17.80
C GLY C 1 -38.63 13.51 -18.98
N PRO C 2 -38.84 12.20 -18.87
CA PRO C 2 -38.45 11.31 -19.97
C PRO C 2 -39.20 11.63 -21.25
N ARG C 3 -38.46 11.66 -22.36
CA ARG C 3 -38.99 11.95 -23.68
C ARG C 3 -38.40 10.95 -24.66
N VAL C 4 -39.25 10.35 -25.49
CA VAL C 4 -38.80 9.44 -26.53
C VAL C 4 -38.84 10.19 -27.85
N VAL C 5 -37.65 10.56 -28.33
CA VAL C 5 -37.49 11.28 -29.59
C VAL C 5 -36.94 10.32 -30.63
N ARG C 6 -37.36 10.53 -31.88
CA ARG C 6 -36.92 9.70 -32.99
C ARG C 6 -36.24 10.58 -34.05
N ILE C 7 -35.08 10.12 -34.52
CA ILE C 7 -34.27 10.84 -35.49
C ILE C 7 -33.87 9.85 -36.58
N VAL C 8 -33.72 10.35 -37.79
CA VAL C 8 -33.34 9.53 -38.93
C VAL C 8 -31.95 9.92 -39.39
N LYS C 9 -31.11 8.92 -39.65
CA LYS C 9 -29.83 9.15 -40.28
C LYS C 9 -30.00 9.96 -41.55
N SER C 10 -29.51 11.19 -41.57
CA SER C 10 -29.12 11.73 -42.86
C SER C 10 -27.80 11.07 -43.27
N GLU C 11 -27.42 11.18 -44.54
CA GLU C 11 -26.12 10.62 -44.90
C GLU C 11 -25.00 11.45 -44.29
N SER C 12 -25.33 12.60 -43.69
CA SER C 12 -24.44 13.40 -42.86
C SER C 12 -24.25 12.83 -41.46
N GLY C 13 -25.22 12.05 -40.98
CA GLY C 13 -25.26 11.58 -39.62
C GLY C 13 -26.44 12.13 -38.86
N TYR C 14 -26.50 11.75 -37.58
CA TYR C 14 -27.61 12.18 -36.74
C TYR C 14 -27.53 13.66 -36.42
N GLY C 15 -26.32 14.18 -36.20
CA GLY C 15 -26.13 15.61 -36.11
C GLY C 15 -26.25 16.20 -34.72
N PHE C 16 -25.68 15.55 -33.71
CA PHE C 16 -25.44 16.22 -32.43
C PHE C 16 -24.08 15.78 -31.90
N ASN C 17 -23.89 15.78 -30.59
CA ASN C 17 -22.71 15.20 -29.96
C ASN C 17 -23.14 14.58 -28.64
N VAL C 18 -22.48 13.49 -28.25
CA VAL C 18 -22.73 12.84 -26.97
C VAL C 18 -21.45 12.86 -26.16
N ARG C 19 -21.58 13.11 -24.85
CA ARG C 19 -20.47 13.21 -23.92
C ARG C 19 -20.86 12.53 -22.63
N GLY C 20 -19.93 11.79 -22.04
CA GLY C 20 -20.23 11.08 -20.81
C GLY C 20 -19.04 10.31 -20.32
N GLN C 21 -19.24 9.63 -19.19
CA GLN C 21 -18.15 8.92 -18.53
C GLN C 21 -17.54 7.88 -19.46
N VAL C 22 -16.22 7.74 -19.39
CA VAL C 22 -15.53 6.70 -20.15
C VAL C 22 -15.59 5.37 -19.41
N SER C 23 -15.29 5.40 -18.11
CA SER C 23 -15.23 4.18 -17.34
C SER C 23 -16.61 3.73 -16.89
N GLU C 24 -16.73 2.44 -16.59
CA GLU C 24 -17.92 1.93 -15.93
C GLU C 24 -18.10 2.64 -14.59
N GLY C 25 -19.35 3.04 -14.32
CA GLY C 25 -19.62 3.77 -13.10
C GLY C 25 -21.09 3.74 -12.73
N GLY C 26 -21.39 3.61 -11.44
CA GLY C 26 -22.76 3.48 -11.01
C GLY C 26 -23.18 4.40 -9.89
N GLN C 27 -22.28 5.28 -9.45
CA GLN C 27 -22.61 6.18 -8.35
C GLN C 27 -23.85 6.98 -8.68
N LEU C 28 -24.83 6.94 -7.77
CA LEU C 28 -26.13 7.56 -8.02
C LEU C 28 -26.07 9.06 -7.78
N ARG C 29 -26.76 9.80 -8.64
CA ARG C 29 -26.88 11.24 -8.52
C ARG C 29 -28.35 11.62 -8.59
N SER C 30 -28.69 12.74 -7.95
CA SER C 30 -30.06 13.24 -7.95
C SER C 30 -30.28 14.08 -9.21
N ILE C 31 -31.25 13.68 -10.03
CA ILE C 31 -31.68 14.45 -11.19
C ILE C 31 -33.20 14.53 -11.13
N ASN C 32 -33.74 15.74 -11.09
CA ASN C 32 -35.18 15.96 -11.03
C ASN C 32 -35.80 15.30 -9.79
N GLY C 33 -35.04 15.27 -8.70
CA GLY C 33 -35.50 14.63 -7.49
C GLY C 33 -35.45 13.12 -7.49
N GLU C 34 -34.94 12.50 -8.55
CA GLU C 34 -34.83 11.06 -8.65
C GLU C 34 -33.36 10.67 -8.79
N LEU C 35 -33.04 9.45 -8.39
CA LEU C 35 -31.68 8.95 -8.42
C LEU C 35 -31.41 8.20 -9.73
N TYR C 36 -30.26 8.48 -10.32
CA TYR C 36 -29.82 7.79 -11.53
C TYR C 36 -28.34 7.49 -11.42
N ALA C 37 -27.93 6.38 -12.05
CA ALA C 37 -26.52 6.17 -12.34
C ALA C 37 -26.10 7.17 -13.41
N PRO C 38 -24.80 7.36 -13.62
CA PRO C 38 -24.36 8.38 -14.58
C PRO C 38 -25.01 8.21 -15.94
N LEU C 39 -25.41 9.33 -16.53
CA LEU C 39 -26.06 9.35 -17.83
C LEU C 39 -25.21 10.13 -18.83
N GLN C 40 -25.12 9.60 -20.05
CA GLN C 40 -24.56 10.36 -21.16
C GLN C 40 -25.49 11.51 -21.51
N HIS C 41 -24.92 12.62 -21.95
CA HIS C 41 -25.71 13.81 -22.27
C HIS C 41 -25.34 14.32 -23.66
N VAL C 42 -26.24 15.14 -24.21
CA VAL C 42 -26.04 15.73 -25.52
C VAL C 42 -25.15 16.96 -25.35
N SER C 43 -23.93 16.87 -25.88
CA SER C 43 -22.97 17.96 -25.74
C SER C 43 -23.12 19.05 -26.79
N ALA C 44 -23.74 18.74 -27.94
CA ALA C 44 -23.89 19.72 -28.99
C ALA C 44 -24.94 19.21 -29.97
N VAL C 45 -25.62 20.13 -30.64
CA VAL C 45 -26.60 19.83 -31.67
C VAL C 45 -26.23 20.60 -32.92
N LEU C 46 -26.57 20.02 -34.08
CA LEU C 46 -26.27 20.63 -35.36
C LEU C 46 -27.45 21.48 -35.79
N PRO C 47 -27.32 22.81 -35.87
CA PRO C 47 -28.43 23.63 -36.36
C PRO C 47 -28.80 23.24 -37.78
N GLY C 48 -30.10 23.05 -38.01
CA GLY C 48 -30.55 22.62 -39.32
C GLY C 48 -30.29 21.16 -39.63
N GLY C 49 -29.94 20.37 -38.63
CA GLY C 49 -29.70 18.95 -38.80
C GLY C 49 -30.86 18.11 -38.29
N ALA C 50 -30.66 16.79 -38.35
CA ALA C 50 -31.70 15.86 -37.92
C ALA C 50 -32.01 16.03 -36.44
N ALA C 51 -30.98 16.24 -35.62
CA ALA C 51 -31.20 16.33 -34.18
C ALA C 51 -31.95 17.60 -33.82
N ASP C 52 -31.51 18.74 -34.35
CA ASP C 52 -32.19 20.00 -34.08
C ASP C 52 -33.64 19.94 -34.54
N ARG C 53 -33.88 19.50 -35.78
CA ARG C 53 -35.26 19.47 -36.25
C ARG C 53 -36.08 18.46 -35.46
N ALA C 54 -35.47 17.31 -35.10
CA ALA C 54 -36.26 16.24 -34.50
C ALA C 54 -36.75 16.61 -33.09
N GLY C 55 -35.90 17.24 -32.28
CA GLY C 55 -36.32 17.65 -30.95
C GLY C 55 -35.26 17.44 -29.87
N VAL C 56 -34.10 16.92 -30.24
CA VAL C 56 -33.04 16.71 -29.27
C VAL C 56 -32.43 18.06 -28.89
N ARG C 57 -32.33 18.29 -27.58
CA ARG C 57 -31.80 19.53 -27.03
C ARG C 57 -30.45 19.26 -26.37
N LYS C 58 -29.54 20.23 -26.47
CA LYS C 58 -28.28 20.12 -25.75
C LYS C 58 -28.56 19.98 -24.25
N GLY C 59 -27.75 19.17 -23.59
CA GLY C 59 -27.92 18.92 -22.17
C GLY C 59 -28.87 17.79 -21.84
N ASP C 60 -29.64 17.31 -22.81
CA ASP C 60 -30.52 16.17 -22.57
C ASP C 60 -29.69 14.94 -22.23
N ARG C 61 -30.01 14.32 -21.10
CA ARG C 61 -29.31 13.10 -20.68
C ARG C 61 -30.06 11.89 -21.19
N ILE C 62 -29.32 10.89 -21.64
CA ILE C 62 -29.85 9.76 -22.39
C ILE C 62 -30.08 8.61 -21.43
N LEU C 63 -31.32 8.09 -21.42
CA LEU C 63 -31.69 6.96 -20.58
C LEU C 63 -31.77 5.65 -21.36
N GLU C 64 -32.21 5.70 -22.61
CA GLU C 64 -32.33 4.52 -23.45
C GLU C 64 -31.96 4.88 -24.88
N VAL C 65 -31.45 3.88 -25.61
CA VAL C 65 -31.20 3.98 -27.04
C VAL C 65 -31.72 2.70 -27.69
N ASN C 66 -32.70 2.83 -28.58
CA ASN C 66 -33.32 1.69 -29.24
C ASN C 66 -33.87 0.70 -28.22
N HIS C 67 -34.55 1.24 -27.19
CA HIS C 67 -35.24 0.50 -26.13
C HIS C 67 -34.26 -0.09 -25.10
N VAL C 68 -32.95 0.05 -25.27
CA VAL C 68 -31.97 -0.54 -24.36
C VAL C 68 -31.57 0.49 -23.31
N ASN C 69 -31.75 0.12 -22.05
CA ASN C 69 -31.37 1.00 -20.94
C ASN C 69 -29.87 1.24 -20.95
N VAL C 70 -29.46 2.50 -21.07
CA VAL C 70 -28.07 2.89 -21.04
C VAL C 70 -27.76 3.69 -19.77
N GLU C 71 -28.57 3.55 -18.73
CA GLU C 71 -28.28 4.19 -17.46
C GLU C 71 -27.01 3.59 -16.86
N GLY C 72 -26.05 4.45 -16.54
CA GLY C 72 -24.79 3.99 -16.00
C GLY C 72 -23.86 3.36 -17.00
N ALA C 73 -24.18 3.44 -18.30
CA ALA C 73 -23.35 2.82 -19.31
C ALA C 73 -22.09 3.65 -19.57
N THR C 74 -21.11 3.00 -20.19
CA THR C 74 -19.90 3.69 -20.61
C THR C 74 -20.16 4.48 -21.90
N HIS C 75 -19.23 5.39 -22.20
CA HIS C 75 -19.37 6.18 -23.43
C HIS C 75 -19.37 5.28 -24.66
N LYS C 76 -18.45 4.31 -24.71
CA LYS C 76 -18.40 3.43 -25.87
C LYS C 76 -19.64 2.56 -25.97
N GLN C 77 -20.22 2.17 -24.84
CA GLN C 77 -21.45 1.38 -24.86
C GLN C 77 -22.55 2.13 -25.60
N VAL C 78 -22.78 3.39 -25.24
CA VAL C 78 -23.85 4.15 -25.88
C VAL C 78 -23.49 4.48 -27.32
N VAL C 79 -22.26 4.91 -27.57
CA VAL C 79 -21.84 5.20 -28.94
C VAL C 79 -22.04 3.98 -29.82
N ASP C 80 -21.50 2.83 -29.41
CA ASP C 80 -21.66 1.61 -30.19
C ASP C 80 -23.14 1.30 -30.41
N LEU C 81 -23.96 1.45 -29.37
CA LEU C 81 -25.39 1.21 -29.52
C LEU C 81 -26.00 2.18 -30.53
N ILE C 82 -25.59 3.45 -30.47
CA ILE C 82 -26.02 4.44 -31.46
C ILE C 82 -25.76 3.93 -32.87
N ARG C 83 -24.56 3.37 -33.07
CA ARG C 83 -24.12 2.92 -34.39
C ARG C 83 -24.68 1.56 -34.77
N ALA C 84 -25.32 0.86 -33.84
CA ALA C 84 -25.95 -0.41 -34.17
C ALA C 84 -27.12 -0.22 -35.12
N GLY C 85 -27.78 0.94 -35.05
CA GLY C 85 -29.01 1.13 -35.81
C GLY C 85 -28.72 1.20 -37.30
N GLU C 86 -29.63 0.68 -38.12
CA GLU C 86 -29.33 0.68 -39.55
C GLU C 86 -29.60 2.04 -40.11
N LYS C 87 -30.65 2.69 -39.59
CA LYS C 87 -31.38 3.67 -40.36
C LYS C 87 -31.85 4.89 -39.55
N GLU C 88 -32.66 4.54 -38.57
CA GLU C 88 -33.42 5.29 -37.61
C GLU C 88 -32.68 5.26 -36.29
N LEU C 89 -33.01 6.23 -35.45
CA LEU C 89 -32.53 6.23 -34.08
C LEU C 89 -33.69 6.64 -33.18
N ILE C 90 -33.86 5.89 -32.10
CA ILE C 90 -34.86 6.20 -31.09
C ILE C 90 -34.13 6.42 -29.78
N LEU C 91 -34.34 7.59 -29.17
CA LEU C 91 -33.69 7.96 -27.93
C LEU C 91 -34.74 8.32 -26.87
N THR C 92 -34.54 7.83 -25.66
CA THR C 92 -35.31 8.25 -24.49
C THR C 92 -34.41 9.17 -23.66
N VAL C 93 -34.73 10.46 -23.66
CA VAL C 93 -33.86 11.46 -23.05
C VAL C 93 -34.63 12.22 -21.97
N LEU C 94 -33.87 12.81 -21.06
CA LEU C 94 -34.39 13.57 -19.93
C LEU C 94 -34.01 15.03 -20.10
N SER C 95 -35.00 15.92 -20.05
CA SER C 95 -34.76 17.35 -20.18
C SER C 95 -35.24 18.08 -18.93
N GLY D 1 -13.41 -6.06 16.97
CA GLY D 1 -14.17 -5.43 18.02
C GLY D 1 -13.33 -4.83 19.12
N PRO D 2 -13.08 -3.53 19.06
CA PRO D 2 -12.41 -2.86 20.18
C PRO D 2 -13.25 -2.94 21.44
N ARG D 3 -12.58 -3.09 22.58
CA ARG D 3 -13.25 -3.11 23.88
C ARG D 3 -12.28 -2.61 24.93
N VAL D 4 -12.83 -2.03 25.99
CA VAL D 4 -12.04 -1.44 27.07
C VAL D 4 -12.19 -2.32 28.31
N VAL D 5 -11.07 -2.59 28.98
CA VAL D 5 -11.05 -3.43 30.16
CA VAL D 5 -11.05 -3.43 30.16
C VAL D 5 -10.22 -2.72 31.23
N ARG D 6 -10.75 -2.67 32.45
CA ARG D 6 -10.05 -2.10 33.59
C ARG D 6 -9.55 -3.24 34.46
N ILE D 7 -8.27 -3.20 34.80
CA ILE D 7 -7.62 -4.26 35.58
C ILE D 7 -6.93 -3.62 36.77
N VAL D 8 -7.36 -3.98 37.97
CA VAL D 8 -6.72 -3.48 39.19
C VAL D 8 -5.46 -4.29 39.45
N LYS D 9 -4.44 -3.62 39.99
CA LYS D 9 -3.13 -4.25 40.19
C LYS D 9 -3.14 -5.03 41.50
N SER D 10 -3.20 -6.34 41.40
CA SER D 10 -2.95 -7.20 42.55
C SER D 10 -1.46 -7.23 42.85
N GLU D 11 -1.12 -7.51 44.10
CA GLU D 11 0.29 -7.73 44.45
C GLU D 11 0.87 -8.86 43.60
N SER D 12 0.05 -9.87 43.31
CA SER D 12 0.36 -10.84 42.27
C SER D 12 0.97 -10.21 41.04
N GLY D 13 0.42 -9.08 40.62
CA GLY D 13 0.58 -8.54 39.30
C GLY D 13 -0.77 -8.48 38.61
N TYR D 14 -0.74 -8.15 37.32
CA TYR D 14 -1.99 -8.09 36.56
C TYR D 14 -2.45 -9.46 36.08
N GLY D 15 -1.60 -10.47 36.17
CA GLY D 15 -2.01 -11.83 35.83
C GLY D 15 -2.20 -12.09 34.36
N PHE D 16 -1.28 -11.63 33.52
CA PHE D 16 -1.30 -11.98 32.11
C PHE D 16 0.06 -11.68 31.51
N ASN D 17 0.29 -12.27 30.34
CA ASN D 17 1.54 -12.08 29.60
C ASN D 17 1.26 -11.29 28.34
N VAL D 18 2.19 -10.40 28.00
CA VAL D 18 2.13 -9.64 26.74
CA VAL D 18 2.13 -9.64 26.74
C VAL D 18 3.28 -10.13 25.86
N ARG D 19 3.00 -10.29 24.57
CA ARG D 19 3.99 -10.75 23.60
C ARG D 19 3.81 -9.96 22.32
N GLY D 20 4.93 -9.55 21.73
CA GLY D 20 4.86 -8.79 20.49
C GLY D 20 6.24 -8.40 20.01
N GLN D 21 6.24 -7.60 18.93
CA GLN D 21 7.48 -7.29 18.25
C GLN D 21 8.48 -6.62 19.20
N VAL D 22 9.73 -7.06 19.12
CA VAL D 22 10.78 -6.50 19.95
C VAL D 22 11.21 -5.13 19.41
N SER D 23 11.43 -5.05 18.11
CA SER D 23 11.95 -3.83 17.49
C SER D 23 10.83 -3.00 16.90
N GLU D 24 11.15 -1.74 16.60
CA GLU D 24 10.21 -0.86 15.93
C GLU D 24 9.71 -1.51 14.65
N GLY D 25 8.49 -1.19 14.27
CA GLY D 25 7.90 -1.77 13.07
C GLY D 25 6.50 -1.26 12.82
N GLY D 26 6.19 -0.96 11.56
CA GLY D 26 4.90 -0.38 11.24
C GLY D 26 4.19 -1.01 10.06
N GLN D 27 4.69 -2.14 9.56
CA GLN D 27 4.05 -2.75 8.40
C GLN D 27 2.64 -3.18 8.74
N LEU D 28 1.71 -2.88 7.84
CA LEU D 28 0.29 -3.06 8.12
C LEU D 28 -0.14 -4.50 7.88
N ARG D 29 -1.01 -4.99 8.75
CA ARG D 29 -1.62 -6.30 8.61
C ARG D 29 -3.13 -6.12 8.73
N SER D 30 -3.86 -7.00 8.07
CA SER D 30 -5.32 -6.98 8.10
C SER D 30 -5.81 -7.76 9.31
N ILE D 31 -6.56 -7.09 10.19
CA ILE D 31 -7.23 -7.73 11.31
C ILE D 31 -8.69 -7.27 11.29
N ASN D 32 -9.61 -8.23 11.29
CA ASN D 32 -11.04 -7.92 11.23
C ASN D 32 -11.38 -7.08 10.00
N GLY D 33 -10.65 -7.28 8.91
CA GLY D 33 -10.87 -6.51 7.71
C GLY D 33 -10.32 -5.10 7.73
N GLU D 34 -9.73 -4.67 8.83
CA GLU D 34 -9.09 -3.36 8.95
C GLU D 34 -7.58 -3.54 9.08
N LEU D 35 -6.85 -2.50 8.69
CA LEU D 35 -5.40 -2.54 8.70
C LEU D 35 -4.86 -1.96 10.00
N TYR D 36 -3.83 -2.61 10.55
CA TYR D 36 -3.16 -2.12 11.74
C TYR D 36 -1.66 -2.34 11.61
N ALA D 37 -0.89 -1.45 12.24
CA ALA D 37 0.52 -1.72 12.48
C ALA D 37 0.60 -2.84 13.51
N PRO D 38 1.78 -3.43 13.71
CA PRO D 38 1.87 -4.59 14.62
C PRO D 38 1.28 -4.29 15.99
N LEU D 39 0.55 -5.26 16.52
CA LEU D 39 -0.12 -5.14 17.80
C LEU D 39 0.49 -6.13 18.79
N GLN D 40 0.90 -5.64 19.95
CA GLN D 40 1.21 -6.55 21.05
C GLN D 40 -0.06 -7.30 21.44
N HIS D 41 0.11 -8.56 21.85
CA HIS D 41 -1.04 -9.40 22.17
C HIS D 41 -0.86 -10.08 23.52
N VAL D 42 -1.98 -10.54 24.07
CA VAL D 42 -2.00 -11.24 25.35
C VAL D 42 -1.73 -12.71 25.05
N SER D 43 -0.54 -13.18 25.43
CA SER D 43 -0.15 -14.56 25.15
C SER D 43 -0.64 -15.55 26.20
N ALA D 44 -1.02 -15.06 27.38
CA ALA D 44 -1.50 -15.95 28.44
C ALA D 44 -2.23 -15.11 29.49
N VAL D 45 -3.25 -15.72 30.09
CA VAL D 45 -4.03 -15.09 31.14
C VAL D 45 -4.11 -16.07 32.30
N LEU D 46 -3.60 -15.67 33.46
CA LEU D 46 -3.62 -16.52 34.63
C LEU D 46 -5.06 -16.74 35.09
N PRO D 47 -5.57 -17.97 35.11
CA PRO D 47 -6.95 -18.18 35.54
C PRO D 47 -7.18 -17.65 36.95
N GLY D 48 -8.22 -16.83 37.10
CA GLY D 48 -8.54 -16.25 38.37
C GLY D 48 -7.73 -15.02 38.73
N GLY D 49 -6.76 -14.64 37.91
CA GLY D 49 -5.98 -13.44 38.15
C GLY D 49 -6.74 -12.18 37.78
N ALA D 50 -6.09 -11.05 38.05
CA ALA D 50 -6.73 -9.75 37.82
C ALA D 50 -7.19 -9.63 36.37
N ALA D 51 -6.34 -10.01 35.43
CA ALA D 51 -6.70 -9.87 34.01
C ALA D 51 -7.87 -10.79 33.65
N ASP D 52 -7.81 -12.05 34.09
CA ASP D 52 -8.91 -12.96 33.82
C ASP D 52 -10.22 -12.44 34.39
N ARG D 53 -10.19 -11.90 35.61
CA ARG D 53 -11.41 -11.40 36.23
C ARG D 53 -11.89 -10.12 35.56
N ALA D 54 -10.97 -9.29 35.04
CA ALA D 54 -11.36 -8.07 34.37
C ALA D 54 -11.97 -8.32 33.00
N GLY D 55 -11.75 -9.50 32.43
CA GLY D 55 -12.26 -9.82 31.11
C GLY D 55 -11.23 -9.91 30.01
N VAL D 56 -9.94 -9.78 30.34
CA VAL D 56 -8.89 -9.95 29.34
C VAL D 56 -8.84 -11.41 28.91
N ARG D 57 -8.70 -11.65 27.61
CA ARG D 57 -8.72 -13.00 27.07
C ARG D 57 -7.51 -13.23 26.19
N LYS D 58 -6.97 -14.44 26.28
CA LYS D 58 -5.84 -14.85 25.45
C LYS D 58 -6.10 -14.51 23.99
N GLY D 59 -5.08 -13.96 23.33
CA GLY D 59 -5.18 -13.56 21.95
C GLY D 59 -5.61 -12.12 21.75
N ASP D 60 -6.16 -11.48 22.78
CA ASP D 60 -6.44 -10.06 22.69
C ASP D 60 -5.21 -9.31 22.22
N ARG D 61 -5.41 -8.36 21.31
CA ARG D 61 -4.33 -7.50 20.82
C ARG D 61 -4.57 -6.09 21.38
N ILE D 62 -3.48 -5.46 21.80
CA ILE D 62 -3.55 -4.25 22.61
C ILE D 62 -3.48 -3.04 21.68
N LEU D 63 -4.51 -2.20 21.72
CA LEU D 63 -4.53 -0.95 20.97
C LEU D 63 -4.06 0.22 21.81
N GLU D 64 -4.39 0.23 23.11
CA GLU D 64 -4.01 1.34 23.97
C GLU D 64 -3.76 0.85 25.39
N VAL D 65 -2.79 1.47 26.05
CA VAL D 65 -2.52 1.25 27.47
C VAL D 65 -2.67 2.58 28.18
N ASN D 66 -3.59 2.64 29.14
CA ASN D 66 -3.86 3.88 29.88
C ASN D 66 -4.16 5.03 28.91
N HIS D 67 -5.00 4.72 27.92
CA HIS D 67 -5.45 5.68 26.91
C HIS D 67 -4.30 6.24 26.09
N VAL D 68 -3.17 5.53 26.03
CA VAL D 68 -2.05 5.90 25.19
C VAL D 68 -1.96 4.89 24.05
N ASN D 69 -1.91 5.39 22.82
CA ASN D 69 -1.94 4.52 21.66
C ASN D 69 -0.63 3.75 21.55
N VAL D 70 -0.72 2.43 21.41
CA VAL D 70 0.44 1.57 21.29
C VAL D 70 0.38 0.74 20.00
N GLU D 71 -0.38 1.19 19.00
CA GLU D 71 -0.38 0.53 17.71
C GLU D 71 1.00 0.68 17.07
N GLY D 72 1.64 -0.43 16.76
CA GLY D 72 2.97 -0.40 16.19
C GLY D 72 4.08 -0.19 17.18
N ALA D 73 3.80 -0.24 18.48
CA ALA D 73 4.81 0.00 19.49
C ALA D 73 5.73 -1.21 19.63
N THR D 74 6.85 -1.00 20.31
CA THR D 74 7.74 -2.10 20.63
C THR D 74 7.28 -2.78 21.92
N HIS D 75 7.87 -3.95 22.19
CA HIS D 75 7.53 -4.67 23.41
C HIS D 75 7.88 -3.84 24.65
N LYS D 76 9.08 -3.27 24.67
CA LYS D 76 9.53 -2.51 25.84
C LYS D 76 8.58 -1.35 26.14
N GLN D 77 8.20 -0.60 25.10
CA GLN D 77 7.37 0.58 25.31
C GLN D 77 6.04 0.21 25.95
N VAL D 78 5.41 -0.88 25.49
CA VAL D 78 4.12 -1.26 26.04
C VAL D 78 4.28 -1.82 27.44
N VAL D 79 5.36 -2.57 27.69
CA VAL D 79 5.61 -3.07 29.03
C VAL D 79 5.86 -1.91 29.99
N ASP D 80 6.65 -0.93 29.57
CA ASP D 80 6.90 0.24 30.40
C ASP D 80 5.59 0.97 30.70
N LEU D 81 4.79 1.20 29.67
CA LEU D 81 3.50 1.86 29.87
C LEU D 81 2.64 1.11 30.89
N ILE D 82 2.63 -0.21 30.81
CA ILE D 82 1.84 -1.01 31.74
C ILE D 82 2.37 -0.85 33.16
N ARG D 83 3.69 -0.96 33.32
CA ARG D 83 4.30 -0.81 34.62
C ARG D 83 4.29 0.63 35.13
N ALA D 84 3.96 1.60 34.28
CA ALA D 84 3.93 2.99 34.72
C ALA D 84 2.81 3.23 35.72
N GLY D 85 1.66 2.59 35.51
CA GLY D 85 0.52 2.77 36.40
C GLY D 85 0.79 2.26 37.81
N GLU D 86 0.45 3.10 38.78
CA GLU D 86 0.64 2.80 40.21
C GLU D 86 -0.13 1.57 40.70
N LYS D 87 -1.41 1.50 40.39
CA LYS D 87 -2.39 0.63 41.01
C LYS D 87 -3.45 0.22 40.01
N GLU D 88 -3.53 0.84 38.84
CA GLU D 88 -4.60 0.55 37.88
C GLU D 88 -4.04 0.45 36.48
N LEU D 89 -4.75 -0.28 35.63
CA LEU D 89 -4.36 -0.48 34.23
C LEU D 89 -5.61 -0.62 33.41
N ILE D 90 -5.77 0.24 32.41
CA ILE D 90 -6.87 0.18 31.46
C ILE D 90 -6.29 -0.16 30.10
N LEU D 91 -6.83 -1.18 29.46
CA LEU D 91 -6.43 -1.57 28.12
C LEU D 91 -7.61 -1.42 27.17
N THR D 92 -7.33 -0.96 25.95
CA THR D 92 -8.24 -1.09 24.83
C THR D 92 -7.71 -2.22 23.96
N VAL D 93 -8.48 -3.30 23.83
CA VAL D 93 -8.02 -4.50 23.16
C VAL D 93 -8.93 -4.79 21.97
N LEU D 94 -8.36 -5.48 20.99
CA LEU D 94 -9.09 -5.97 19.82
C LEU D 94 -9.19 -7.48 19.94
N SER D 95 -10.42 -7.97 19.98
CA SER D 95 -10.69 -9.40 20.13
C SER D 95 -11.19 -9.96 18.80
N VAL D 96 -10.78 -11.18 18.49
CA VAL D 96 -11.20 -11.85 17.26
C VAL D 96 -11.73 -13.24 17.59
#